data_2AJZ
#
_entry.id   2AJZ
#
_cell.length_a   47.934
_cell.length_b   78.489
_cell.length_c   130.334
_cell.angle_alpha   90.00
_cell.angle_beta   91.87
_cell.angle_gamma   90.00
#
_symmetry.space_group_name_H-M   'P 1 21 1'
#
loop_
_entity.id
_entity.type
_entity.pdbx_description
1 polymer "Antibody 7A1 Fab'"
2 polymer "Antibody 7A1 Fab'"
3 non-polymer '3-HYDROXY-8-METHYL-8-AZA-BICYCLO[3.2.1]OCTANE-2-CARBOXYLIC ACID METHYL ESTER'
4 water water
#
loop_
_entity_poly.entity_id
_entity_poly.type
_entity_poly.pdbx_seq_one_letter_code
_entity_poly.pdbx_strand_id
1 'polypeptide(L)'
;DIVITQDELSNPVTSGESVSISCRSSRSLLYKDGRTYLNWFLQRPGQSPQLLIYLMSTRASGVSDRFSGSGSGTDFTLEI
SRVKAEDVGVYYCQQFVEYPFTFGSGTKLEIKRADAAPTVSIFPPSSEQLTSGGASVVCFLNNFYPKDINVKWKIDGSER
QNGVLNSWTDQDSKDSTYSMSSTLTLTKDEYERHNSYTCEATHKTSTSPIVKSFNR
;
L,A
2 'polypeptide(L)'
;EVKLSESGPGLVKPSQSLSLTCTVTGYSITTNYAWTWIRQFPGNKLEWMGYIRSSVITRYNPSLKSRISITQDTSKNQFF
LQLNSVTTEDTATYYCARYDYYGNTGDYWGQGTSVTVSSAKTTPPSVYPLAPGTAALKSSMVTLGCLVKGYFPEPVTVTW
NSGSLSSGVHTFPAVLQSDLYTLTSSVTVPSSTWPSQTVTCNVAHPASSTKVDKKIVPR
;
H,B
#
# COMPACT_ATOMS: atom_id res chain seq x y z
N ASP A 1 24.57 -11.09 52.94
CA ASP A 1 24.93 -9.67 52.74
C ASP A 1 23.68 -8.89 52.37
N ILE A 2 23.88 -7.69 51.84
CA ILE A 2 22.80 -6.82 51.42
C ILE A 2 22.41 -7.15 50.00
N VAL A 3 21.12 -7.08 49.71
CA VAL A 3 20.64 -7.33 48.37
C VAL A 3 19.98 -6.03 47.92
N ILE A 4 20.50 -5.50 46.81
CA ILE A 4 20.01 -4.26 46.24
C ILE A 4 19.17 -4.52 45.00
N THR A 5 17.93 -4.02 45.00
CA THR A 5 17.04 -4.25 43.87
C THR A 5 16.75 -3.00 43.07
N GLN A 6 16.90 -3.10 41.77
CA GLN A 6 16.60 -1.99 40.90
C GLN A 6 15.42 -2.35 40.04
N ASP A 7 14.48 -1.42 39.94
CA ASP A 7 13.27 -1.62 39.18
C ASP A 7 13.43 -1.06 37.77
N GLU A 8 12.91 -1.76 36.77
CA GLU A 8 13.00 -1.31 35.39
C GLU A 8 11.96 -0.21 35.15
N LEU A 9 12.25 0.67 34.19
CA LEU A 9 11.33 1.73 33.83
C LEU A 9 10.32 1.10 32.90
N SER A 10 9.07 1.53 32.99
CA SER A 10 8.00 0.97 32.18
C SER A 10 7.88 1.44 30.73
N ASN A 11 8.52 2.55 30.39
CA ASN A 11 8.40 3.08 29.03
C ASN A 11 9.44 4.13 28.68
N PRO A 12 9.77 4.29 27.38
CA PRO A 12 10.76 5.30 27.01
C PRO A 12 10.20 6.67 27.42
N VAL A 13 11.06 7.56 27.87
CA VAL A 13 10.55 8.85 28.30
C VAL A 13 10.74 9.95 27.28
N THR A 14 10.00 11.03 27.51
CA THR A 14 10.01 12.22 26.69
C THR A 14 11.12 13.19 27.12
N SER A 15 11.89 13.65 26.14
CA SER A 15 12.97 14.57 26.36
C SER A 15 12.49 15.86 27.02
N GLY A 16 13.18 16.30 28.07
CA GLY A 16 12.79 17.53 28.73
C GLY A 16 11.84 17.32 29.89
N GLU A 17 11.60 16.05 30.24
CA GLU A 17 10.71 15.72 31.35
C GLU A 17 11.57 15.24 32.50
N SER A 18 10.94 15.13 33.68
CA SER A 18 11.62 14.66 34.88
C SER A 18 11.55 13.15 35.03
N VAL A 19 12.70 12.52 35.25
CA VAL A 19 12.75 11.07 35.43
C VAL A 19 13.29 10.65 36.80
N SER A 20 12.71 9.58 37.35
CA SER A 20 13.09 9.02 38.64
C SER A 20 13.52 7.56 38.52
N ILE A 21 14.70 7.22 39.04
CA ILE A 21 15.17 5.84 39.02
C ILE A 21 15.20 5.35 40.48
N SER A 22 14.68 4.14 40.73
CA SER A 22 14.63 3.60 42.08
C SER A 22 15.51 2.38 42.40
N CYS A 23 16.03 2.40 43.61
CA CYS A 23 16.94 1.39 44.10
C CYS A 23 16.59 1.08 45.55
N ARG A 24 16.53 -0.20 45.90
CA ARG A 24 16.20 -0.55 47.27
C ARG A 24 17.16 -1.55 47.93
N SER A 25 17.48 -1.26 49.19
CA SER A 25 18.37 -2.06 50.01
C SER A 25 17.63 -2.90 51.04
N SER A 26 18.09 -4.12 51.28
CA SER A 26 17.46 -4.99 52.28
C SER A 26 18.04 -4.70 53.67
N ARG A 27 18.94 -3.73 53.74
CA ARG A 27 19.57 -3.30 54.98
C ARG A 27 19.74 -1.79 54.91
N SER A 28 19.58 -1.10 56.04
CA SER A 28 19.72 0.35 56.02
C SER A 28 21.17 0.70 55.73
N LEU A 29 21.34 1.74 54.92
CA LEU A 29 22.67 2.21 54.53
C LEU A 29 23.09 3.43 55.34
N LEU A 30 22.34 3.79 56.38
CA LEU A 30 22.71 4.92 57.23
C LEU A 30 23.85 4.46 58.12
N TYR A 31 24.85 5.30 58.31
CA TYR A 31 25.97 4.90 59.15
C TYR A 31 26.00 5.70 60.44
N LYS A 32 26.65 5.11 61.45
CA LYS A 32 26.78 5.71 62.78
C LYS A 32 27.13 7.20 62.74
N ASP A 33 27.70 7.64 61.62
CA ASP A 33 28.08 9.04 61.42
C ASP A 33 26.93 9.84 60.80
N GLY A 34 25.76 9.22 60.72
CA GLY A 34 24.61 9.90 60.14
C GLY A 34 24.58 10.00 58.62
N ARG A 35 25.64 9.54 57.95
CA ARG A 35 25.70 9.60 56.49
C ARG A 35 25.17 8.31 55.87
N THR A 36 24.49 8.45 54.73
CA THR A 36 23.92 7.31 54.02
C THR A 36 24.79 7.00 52.79
N TYR A 37 25.53 5.88 52.84
CA TYR A 37 26.44 5.49 51.77
C TYR A 37 25.86 4.73 50.57
N LEU A 38 25.43 5.50 49.57
CA LEU A 38 24.89 4.95 48.33
C LEU A 38 25.44 5.75 47.16
N ASN A 39 25.87 5.03 46.12
CA ASN A 39 26.43 5.65 44.92
C ASN A 39 25.55 5.39 43.71
N TRP A 40 25.55 6.31 42.76
CA TRP A 40 24.80 6.16 41.51
C TRP A 40 25.80 6.29 40.38
N PHE A 41 25.74 5.38 39.42
CA PHE A 41 26.65 5.42 38.27
C PHE A 41 25.88 5.38 36.97
N LEU A 42 26.49 5.90 35.92
CA LEU A 42 25.89 5.84 34.61
C LEU A 42 26.95 5.18 33.74
N GLN A 43 26.53 4.19 32.97
CA GLN A 43 27.45 3.53 32.08
C GLN A 43 26.82 3.56 30.71
N ARG A 44 27.53 4.15 29.77
CA ARG A 44 27.06 4.23 28.40
C ARG A 44 27.67 3.06 27.66
N PRO A 45 27.06 2.65 26.55
CA PRO A 45 27.54 1.52 25.73
C PRO A 45 29.01 1.64 25.32
N GLY A 46 29.79 0.65 25.76
CA GLY A 46 31.21 0.59 25.46
C GLY A 46 32.10 1.46 26.32
N GLN A 47 31.58 1.92 27.45
CA GLN A 47 32.33 2.81 28.37
C GLN A 47 32.42 2.24 29.77
N SER A 48 33.31 2.82 30.57
CA SER A 48 33.47 2.43 31.98
C SER A 48 32.39 3.18 32.74
N PRO A 49 32.00 2.66 33.90
CA PRO A 49 30.96 3.35 34.68
C PRO A 49 31.36 4.80 35.00
N GLN A 50 30.39 5.61 35.41
CA GLN A 50 30.70 6.99 35.71
C GLN A 50 29.93 7.41 36.95
N LEU A 51 30.65 7.79 38.01
CA LEU A 51 29.99 8.21 39.24
C LEU A 51 29.17 9.46 38.97
N LEU A 52 27.92 9.46 39.44
CA LEU A 52 27.02 10.60 39.28
C LEU A 52 26.82 11.23 40.64
N ILE A 53 26.34 10.41 41.57
CA ILE A 53 26.06 10.82 42.94
C ILE A 53 26.70 9.83 43.92
N TYR A 54 27.11 10.33 45.09
CA TYR A 54 27.66 9.51 46.15
C TYR A 54 27.13 10.05 47.48
N LEU A 55 27.31 9.30 48.56
CA LEU A 55 26.78 9.70 49.86
C LEU A 55 25.29 9.99 49.69
N MET A 56 24.69 9.19 48.80
CA MET A 56 23.28 9.26 48.49
C MET A 56 22.78 10.50 47.76
N SER A 57 23.11 11.68 48.27
CA SER A 57 22.63 12.90 47.63
C SER A 57 23.71 13.89 47.20
N THR A 58 24.96 13.45 47.06
CA THR A 58 26.00 14.37 46.65
C THR A 58 26.47 14.19 45.21
N ARG A 59 26.49 15.30 44.47
CA ARG A 59 26.89 15.30 43.07
C ARG A 59 28.38 15.14 42.84
N ALA A 60 28.75 14.16 42.02
CA ALA A 60 30.15 13.96 41.71
C ALA A 60 30.56 15.26 41.03
N SER A 61 31.85 15.47 40.88
CA SER A 61 32.35 16.69 40.26
C SER A 61 32.10 16.64 38.76
N GLY A 62 31.75 17.80 38.19
CA GLY A 62 31.50 17.90 36.75
C GLY A 62 30.27 17.16 36.25
N VAL A 63 29.30 16.98 37.14
CA VAL A 63 28.07 16.28 36.78
C VAL A 63 26.93 17.30 36.73
N SER A 64 26.17 17.27 35.64
CA SER A 64 25.04 18.19 35.45
C SER A 64 24.23 18.44 36.72
N ASP A 65 23.70 19.65 36.90
CA ASP A 65 22.91 19.94 38.08
C ASP A 65 21.50 19.35 37.90
N ARG A 66 21.28 18.68 36.78
CA ARG A 66 19.99 18.03 36.48
C ARG A 66 19.81 16.70 37.21
N PHE A 67 20.90 16.20 37.83
CA PHE A 67 20.86 14.94 38.56
C PHE A 67 20.89 15.16 40.06
N SER A 68 20.04 14.42 40.79
CA SER A 68 19.97 14.56 42.26
C SER A 68 19.37 13.34 42.95
N GLY A 69 19.93 12.97 44.10
CA GLY A 69 19.44 11.82 44.81
C GLY A 69 18.79 12.08 46.15
N SER A 70 17.89 11.19 46.53
CA SER A 70 17.19 11.32 47.80
C SER A 70 16.78 9.93 48.26
N GLY A 71 16.32 9.83 49.50
CA GLY A 71 15.89 8.55 50.02
C GLY A 71 16.01 8.41 51.54
N SER A 72 15.53 7.27 52.02
CA SER A 72 15.57 6.92 53.43
C SER A 72 16.88 6.19 53.69
N GLY A 73 16.74 5.06 54.35
CA GLY A 73 17.85 4.22 54.71
C GLY A 73 17.75 2.98 53.87
N THR A 74 16.62 2.75 53.24
CA THR A 74 16.48 1.54 52.39
C THR A 74 15.84 1.75 51.00
N ASP A 75 15.35 2.96 50.77
CA ASP A 75 14.70 3.30 49.51
C ASP A 75 15.35 4.56 48.96
N PHE A 76 15.85 4.48 47.72
CA PHE A 76 16.54 5.62 47.10
C PHE A 76 16.05 5.97 45.73
N THR A 77 16.23 7.25 45.39
CA THR A 77 15.78 7.81 44.12
C THR A 77 16.71 8.80 43.44
N LEU A 78 17.05 8.51 42.19
CA LEU A 78 17.90 9.39 41.41
C LEU A 78 16.91 10.17 40.56
N GLU A 79 16.90 11.49 40.69
CA GLU A 79 15.98 12.30 39.92
C GLU A 79 16.73 13.02 38.80
N ILE A 80 16.25 12.87 37.56
CA ILE A 80 16.89 13.54 36.42
C ILE A 80 15.94 14.61 35.87
N SER A 81 16.20 15.88 36.18
CA SER A 81 15.36 16.97 35.67
C SER A 81 15.68 17.25 34.20
N ARG A 82 14.65 17.54 33.42
CA ARG A 82 14.87 17.79 32.01
C ARG A 82 15.82 16.75 31.42
N VAL A 83 15.32 15.54 31.19
CA VAL A 83 16.13 14.46 30.66
C VAL A 83 16.50 14.75 29.20
N LYS A 84 17.76 14.48 28.87
CA LYS A 84 18.27 14.70 27.53
C LYS A 84 18.65 13.39 26.87
N ALA A 85 18.66 13.40 25.55
CA ALA A 85 19.01 12.23 24.74
C ALA A 85 20.38 11.66 25.07
N GLU A 86 21.25 12.51 25.61
CA GLU A 86 22.59 12.08 25.97
C GLU A 86 22.59 11.34 27.30
N ASP A 87 21.42 11.23 27.93
CA ASP A 87 21.29 10.55 29.23
C ASP A 87 21.00 9.04 29.16
N VAL A 88 20.71 8.51 27.98
CA VAL A 88 20.42 7.08 27.89
C VAL A 88 21.65 6.26 28.27
N GLY A 89 21.41 5.03 28.70
CA GLY A 89 22.49 4.16 29.11
C GLY A 89 21.95 3.37 30.27
N VAL A 90 22.84 2.81 31.09
CA VAL A 90 22.40 2.02 32.23
C VAL A 90 22.81 2.65 33.59
N TYR A 91 21.83 2.84 34.45
CA TYR A 91 22.04 3.42 35.76
C TYR A 91 22.04 2.35 36.83
N TYR A 92 23.12 2.30 37.60
CA TYR A 92 23.31 1.34 38.68
C TYR A 92 23.49 2.08 40.01
N CYS A 93 23.17 1.41 41.10
CA CYS A 93 23.37 2.00 42.42
C CYS A 93 24.26 1.04 43.18
N GLN A 94 25.14 1.57 44.01
CA GLN A 94 26.04 0.74 44.78
C GLN A 94 25.97 1.10 46.24
N GLN A 95 25.94 0.09 47.10
CA GLN A 95 25.89 0.33 48.54
C GLN A 95 27.32 0.37 49.04
N PHE A 96 27.65 1.36 49.85
CA PHE A 96 29.01 1.51 50.35
C PHE A 96 29.12 1.46 51.88
N VAL A 97 28.25 0.70 52.55
CA VAL A 97 28.29 0.58 54.02
C VAL A 97 29.03 -0.65 54.54
N GLU A 98 29.00 -1.74 53.79
CA GLU A 98 29.68 -2.93 54.24
C GLU A 98 30.17 -3.80 53.11
N TYR A 99 31.14 -4.66 53.41
CA TYR A 99 31.68 -5.58 52.41
C TYR A 99 30.56 -6.57 52.06
N PRO A 100 30.41 -6.93 50.78
CA PRO A 100 31.20 -6.48 49.63
C PRO A 100 30.40 -5.27 49.21
N PHE A 101 30.99 -4.31 48.53
CA PHE A 101 30.20 -3.14 48.18
C PHE A 101 29.24 -3.40 47.01
N THR A 102 28.19 -4.16 47.32
CA THR A 102 27.16 -4.60 46.37
C THR A 102 26.61 -3.59 45.35
N PHE A 103 26.58 -4.01 44.09
CA PHE A 103 26.07 -3.18 42.99
C PHE A 103 24.63 -3.56 42.72
N GLY A 104 23.93 -2.67 42.01
CA GLY A 104 22.55 -2.93 41.67
C GLY A 104 22.49 -3.58 40.29
N SER A 105 21.45 -4.37 40.04
CA SER A 105 21.28 -5.06 38.77
C SER A 105 21.30 -4.08 37.60
N GLY A 106 20.90 -2.84 37.88
CA GLY A 106 20.90 -1.82 36.85
C GLY A 106 19.55 -1.51 36.26
N THR A 107 19.38 -0.26 35.88
CA THR A 107 18.14 0.21 35.27
C THR A 107 18.52 0.87 33.94
N LYS A 108 17.83 0.49 32.86
CA LYS A 108 18.09 1.07 31.54
C LYS A 108 17.13 2.24 31.30
N LEU A 109 17.65 3.29 30.67
CA LEU A 109 16.88 4.49 30.35
C LEU A 109 16.79 4.62 28.83
N GLU A 110 15.56 4.77 28.33
CA GLU A 110 15.33 4.93 26.89
C GLU A 110 14.62 6.24 26.61
N ILE A 111 15.02 6.91 25.53
CA ILE A 111 14.45 8.19 25.15
C ILE A 111 13.43 8.05 24.01
N LYS A 112 12.31 8.73 24.16
CA LYS A 112 11.28 8.69 23.16
C LYS A 112 11.64 9.73 22.08
N ARG A 113 11.39 9.38 20.83
CA ARG A 113 11.69 10.29 19.73
C ARG A 113 10.68 10.08 18.61
N ALA A 114 10.83 10.85 17.54
CA ALA A 114 9.94 10.73 16.38
C ALA A 114 10.17 9.41 15.63
N ASP A 115 9.09 8.73 15.29
CA ASP A 115 9.21 7.47 14.58
C ASP A 115 9.95 7.67 13.27
N ALA A 116 10.99 6.86 13.06
CA ALA A 116 11.77 6.95 11.84
C ALA A 116 11.71 5.60 11.17
N ALA A 117 11.77 5.58 9.84
CA ALA A 117 11.72 4.33 9.10
C ALA A 117 13.16 3.92 8.81
N PRO A 118 13.45 2.61 8.87
CA PRO A 118 14.80 2.08 8.64
C PRO A 118 15.37 2.32 7.23
N THR A 119 16.68 2.48 7.14
CA THR A 119 17.36 2.67 5.86
C THR A 119 18.02 1.34 5.54
N VAL A 120 17.40 0.56 4.68
CA VAL A 120 17.90 -0.75 4.33
C VAL A 120 18.96 -0.81 3.22
N SER A 121 20.01 -1.60 3.48
CA SER A 121 21.11 -1.78 2.53
C SER A 121 21.56 -3.23 2.49
N ILE A 122 21.37 -3.92 1.38
CA ILE A 122 21.80 -5.32 1.31
C ILE A 122 23.12 -5.40 0.54
N PHE A 123 24.01 -6.30 0.97
CA PHE A 123 25.28 -6.49 0.30
C PHE A 123 25.53 -7.97 0.01
N PRO A 124 26.19 -8.27 -1.11
CA PRO A 124 26.49 -9.65 -1.49
C PRO A 124 27.88 -10.08 -1.02
N PRO A 125 28.19 -11.39 -1.08
CA PRO A 125 29.49 -11.94 -0.68
C PRO A 125 30.68 -11.31 -1.41
N SER A 126 31.78 -11.10 -0.69
CA SER A 126 32.96 -10.50 -1.29
C SER A 126 33.75 -11.59 -2.02
N SER A 127 34.44 -11.22 -3.08
CA SER A 127 35.22 -12.19 -3.85
C SER A 127 36.27 -12.86 -2.96
N GLU A 128 36.69 -12.17 -1.91
CA GLU A 128 37.66 -12.71 -0.97
C GLU A 128 36.99 -13.83 -0.17
N GLN A 129 35.81 -13.57 0.39
CA GLN A 129 35.14 -14.62 1.16
C GLN A 129 34.78 -15.83 0.32
N LEU A 130 34.36 -15.59 -0.92
CA LEU A 130 33.95 -16.68 -1.79
C LEU A 130 35.10 -17.59 -2.15
N THR A 131 36.29 -17.04 -2.38
CA THR A 131 37.45 -17.89 -2.66
C THR A 131 37.87 -18.65 -1.41
N SER A 132 37.05 -18.58 -0.37
CA SER A 132 37.32 -19.25 0.88
C SER A 132 36.35 -20.39 1.06
N GLY A 133 35.34 -20.44 0.20
CA GLY A 133 34.34 -21.50 0.31
C GLY A 133 33.14 -21.04 1.13
N GLY A 134 33.26 -19.85 1.70
CA GLY A 134 32.18 -19.30 2.50
C GLY A 134 31.49 -18.18 1.75
N ALA A 135 30.29 -17.83 2.16
CA ALA A 135 29.55 -16.75 1.55
C ALA A 135 28.48 -16.23 2.50
N SER A 136 28.55 -14.94 2.84
CA SER A 136 27.57 -14.34 3.74
C SER A 136 26.94 -13.16 3.04
N VAL A 137 25.67 -12.92 3.32
CA VAL A 137 25.00 -11.79 2.72
C VAL A 137 24.62 -10.91 3.87
N VAL A 138 24.92 -9.62 3.75
CA VAL A 138 24.60 -8.70 4.82
C VAL A 138 23.52 -7.70 4.45
N CYS A 139 22.78 -7.32 5.48
CA CYS A 139 21.69 -6.38 5.31
C CYS A 139 21.65 -5.47 6.54
N PHE A 140 21.85 -4.17 6.33
CA PHE A 140 21.82 -3.19 7.40
C PHE A 140 20.50 -2.43 7.42
N LEU A 141 19.92 -2.28 8.60
CA LEU A 141 18.68 -1.53 8.77
C LEU A 141 19.07 -0.47 9.78
N ASN A 142 19.41 0.72 9.28
CA ASN A 142 19.91 1.81 10.12
C ASN A 142 19.00 2.99 10.48
N ASN A 143 19.24 3.48 11.69
CA ASN A 143 18.55 4.65 12.24
C ASN A 143 17.02 4.66 12.14
N PHE A 144 16.40 3.75 12.88
CA PHE A 144 14.95 3.67 12.90
C PHE A 144 14.45 3.72 14.33
N TYR A 145 13.16 4.03 14.48
CA TYR A 145 12.50 4.10 15.79
C TYR A 145 11.02 3.88 15.61
N PRO A 146 10.39 3.12 16.52
CA PRO A 146 10.95 2.44 17.71
C PRO A 146 11.90 1.27 17.40
N LYS A 147 12.42 0.67 18.45
CA LYS A 147 13.36 -0.44 18.34
C LYS A 147 12.76 -1.75 17.84
N ASP A 148 11.44 -1.88 17.93
CA ASP A 148 10.76 -3.09 17.50
C ASP A 148 10.85 -3.26 16.00
N ILE A 149 11.44 -4.35 15.55
CA ILE A 149 11.56 -4.58 14.11
C ILE A 149 11.58 -6.07 13.76
N ASN A 150 11.20 -6.38 12.53
CA ASN A 150 11.18 -7.76 12.07
C ASN A 150 11.79 -7.84 10.67
N VAL A 151 12.81 -8.68 10.55
CA VAL A 151 13.49 -8.87 9.29
C VAL A 151 13.20 -10.29 8.81
N LYS A 152 13.06 -10.44 7.49
CA LYS A 152 12.79 -11.75 6.91
C LYS A 152 13.62 -11.96 5.61
N TRP A 153 14.37 -13.05 5.54
CA TRP A 153 15.17 -13.35 4.36
C TRP A 153 14.45 -14.33 3.42
N LYS A 154 14.67 -14.17 2.12
CA LYS A 154 14.06 -15.03 1.11
C LYS A 154 15.03 -15.37 -0.01
N ILE A 155 15.22 -16.66 -0.26
CA ILE A 155 16.09 -17.12 -1.34
C ILE A 155 15.22 -17.57 -2.50
N ASP A 156 15.36 -16.89 -3.63
CA ASP A 156 14.56 -17.21 -4.80
C ASP A 156 13.10 -17.20 -4.42
N GLY A 157 12.71 -16.18 -3.65
CA GLY A 157 11.32 -16.02 -3.22
C GLY A 157 10.86 -16.86 -2.04
N SER A 158 11.62 -17.90 -1.71
CA SER A 158 11.27 -18.78 -0.60
C SER A 158 11.90 -18.35 0.74
N GLU A 159 11.06 -18.22 1.76
CA GLU A 159 11.50 -17.81 3.09
C GLU A 159 12.58 -18.72 3.66
N ARG A 160 13.63 -18.12 4.22
CA ARG A 160 14.76 -18.84 4.81
C ARG A 160 14.95 -18.47 6.29
N GLN A 161 15.29 -19.45 7.12
CA GLN A 161 15.52 -19.20 8.55
C GLN A 161 16.85 -19.77 9.08
N ASN A 162 17.56 -20.53 8.25
CA ASN A 162 18.84 -21.12 8.64
C ASN A 162 20.06 -20.30 8.22
N GLY A 163 20.90 -19.96 9.19
CA GLY A 163 22.10 -19.20 8.88
C GLY A 163 22.07 -17.71 9.18
N VAL A 164 20.90 -17.21 9.59
CA VAL A 164 20.76 -15.79 9.88
C VAL A 164 21.13 -15.44 11.31
N LEU A 165 21.92 -14.38 11.47
CA LEU A 165 22.37 -13.91 12.77
C LEU A 165 22.17 -12.42 12.89
N ASN A 166 21.36 -12.01 13.86
CA ASN A 166 21.03 -10.62 14.06
C ASN A 166 21.72 -9.93 15.22
N SER A 167 22.07 -8.67 15.00
CA SER A 167 22.74 -7.89 16.01
C SER A 167 22.19 -6.47 16.06
N TRP A 168 21.52 -6.15 17.16
CA TRP A 168 20.92 -4.84 17.38
C TRP A 168 21.86 -3.98 18.22
N THR A 169 21.91 -2.69 17.92
CA THR A 169 22.74 -1.78 18.68
C THR A 169 21.89 -1.20 19.80
N ASP A 170 22.47 -0.30 20.57
CA ASP A 170 21.72 0.32 21.63
C ASP A 170 21.28 1.68 21.12
N GLN A 171 20.36 2.31 21.84
CA GLN A 171 19.85 3.62 21.43
C GLN A 171 20.96 4.65 21.31
N ASP A 172 21.03 5.28 20.14
CA ASP A 172 22.04 6.30 19.88
C ASP A 172 21.90 7.48 20.85
N SER A 173 23.02 7.99 21.37
CA SER A 173 23.00 9.13 22.29
C SER A 173 22.75 10.48 21.63
N LYS A 174 22.94 10.54 20.32
CA LYS A 174 22.72 11.79 19.59
C LYS A 174 21.31 11.87 19.01
N ASP A 175 20.99 10.96 18.09
CA ASP A 175 19.67 10.97 17.47
C ASP A 175 18.67 9.96 18.01
N SER A 176 18.98 9.34 19.15
CA SER A 176 18.07 8.36 19.75
C SER A 176 17.60 7.29 18.84
N THR A 177 18.31 6.99 17.76
CA THR A 177 17.78 5.90 16.95
C THR A 177 18.46 4.53 17.18
N TYR A 178 17.85 3.50 16.62
CA TYR A 178 18.39 2.15 16.71
C TYR A 178 18.83 1.62 15.31
N SER A 179 19.67 0.60 15.30
CA SER A 179 20.11 0.01 14.04
C SER A 179 20.38 -1.47 14.21
N MET A 180 20.11 -2.23 13.15
CA MET A 180 20.32 -3.67 13.18
C MET A 180 20.96 -4.20 11.90
N SER A 181 21.75 -5.26 12.04
CA SER A 181 22.39 -5.90 10.91
C SER A 181 22.06 -7.38 10.98
N SER A 182 21.61 -7.94 9.85
CA SER A 182 21.28 -9.34 9.76
C SER A 182 22.21 -9.96 8.73
N THR A 183 22.79 -11.10 9.09
CA THR A 183 23.72 -11.75 8.20
C THR A 183 23.25 -13.15 7.87
N LEU A 184 23.11 -13.39 6.57
CA LEU A 184 22.70 -14.67 6.06
C LEU A 184 24.00 -15.36 5.59
N THR A 185 24.44 -16.37 6.34
CA THR A 185 25.65 -17.10 5.97
C THR A 185 25.32 -18.51 5.49
N LEU A 186 25.81 -18.84 4.29
CA LEU A 186 25.61 -20.14 3.67
C LEU A 186 26.96 -20.56 3.07
N THR A 187 27.08 -21.81 2.66
CA THR A 187 28.32 -22.29 2.05
C THR A 187 28.35 -21.78 0.60
N LYS A 188 29.54 -21.66 0.02
CA LYS A 188 29.67 -21.17 -1.35
C LYS A 188 28.90 -21.99 -2.40
N ASP A 189 29.07 -23.31 -2.38
CA ASP A 189 28.38 -24.16 -3.35
C ASP A 189 26.89 -23.95 -3.32
N GLU A 190 26.38 -23.62 -2.14
CA GLU A 190 24.96 -23.38 -1.97
C GLU A 190 24.55 -22.06 -2.62
N TYR A 191 25.34 -21.02 -2.37
CA TYR A 191 25.10 -19.68 -2.91
C TYR A 191 25.11 -19.63 -4.45
N GLU A 192 25.90 -20.50 -5.07
CA GLU A 192 26.00 -20.56 -6.54
C GLU A 192 24.83 -21.33 -7.12
N ARG A 193 24.02 -21.88 -6.24
CA ARG A 193 22.87 -22.69 -6.63
C ARG A 193 21.59 -21.86 -6.71
N HIS A 194 21.66 -20.62 -6.26
CA HIS A 194 20.50 -19.75 -6.29
C HIS A 194 20.84 -18.45 -6.99
N ASN A 195 19.80 -17.71 -7.35
CA ASN A 195 19.96 -16.47 -8.08
C ASN A 195 19.44 -15.29 -7.27
N SER A 196 18.26 -15.45 -6.66
CA SER A 196 17.63 -14.39 -5.89
C SER A 196 17.76 -14.44 -4.37
N TYR A 197 18.08 -13.31 -3.77
CA TYR A 197 18.22 -13.19 -2.32
C TYR A 197 17.65 -11.84 -1.90
N THR A 198 16.61 -11.87 -1.06
CA THR A 198 15.96 -10.64 -0.63
C THR A 198 15.93 -10.42 0.88
N CYS A 199 16.01 -9.16 1.30
CA CYS A 199 15.97 -8.82 2.70
C CYS A 199 14.69 -8.02 2.88
N GLU A 200 13.85 -8.47 3.81
CA GLU A 200 12.54 -7.84 4.04
C GLU A 200 12.36 -7.34 5.48
N ALA A 201 12.12 -6.04 5.63
CA ALA A 201 11.95 -5.46 6.97
C ALA A 201 10.56 -4.86 7.19
N THR A 202 9.87 -5.33 8.24
CA THR A 202 8.53 -4.85 8.57
C THR A 202 8.52 -3.99 9.81
N HIS A 203 8.42 -2.68 9.60
CA HIS A 203 8.40 -1.71 10.68
C HIS A 203 7.03 -1.06 10.79
N LYS A 204 6.76 -0.51 11.96
CA LYS A 204 5.51 0.18 12.26
C LYS A 204 5.28 1.39 11.35
N THR A 205 6.37 2.02 10.89
CA THR A 205 6.26 3.19 10.01
C THR A 205 5.73 2.89 8.61
N SER A 206 5.18 1.70 8.40
CA SER A 206 4.63 1.34 7.10
C SER A 206 3.94 -0.02 7.13
N THR A 207 2.89 -0.14 6.34
CA THR A 207 2.15 -1.40 6.27
C THR A 207 3.01 -2.36 5.48
N SER A 208 3.50 -1.86 4.36
CA SER A 208 4.35 -2.64 3.47
C SER A 208 5.80 -2.71 3.94
N PRO A 209 6.41 -3.90 3.83
CA PRO A 209 7.79 -4.23 4.20
C PRO A 209 8.81 -3.62 3.24
N ILE A 210 9.85 -3.00 3.79
CA ILE A 210 10.89 -2.44 2.94
C ILE A 210 11.67 -3.66 2.43
N VAL A 211 11.68 -3.85 1.12
CA VAL A 211 12.37 -5.00 0.60
C VAL A 211 13.50 -4.61 -0.33
N LYS A 212 14.68 -5.06 0.04
CA LYS A 212 15.91 -4.84 -0.71
C LYS A 212 16.28 -6.20 -1.26
N SER A 213 16.91 -6.25 -2.42
CA SER A 213 17.28 -7.53 -2.97
C SER A 213 18.31 -7.46 -4.08
N PHE A 214 18.81 -8.61 -4.49
CA PHE A 214 19.78 -8.67 -5.56
C PHE A 214 19.77 -10.03 -6.21
N ASN A 215 20.43 -10.15 -7.36
CA ASN A 215 20.49 -11.40 -8.09
C ASN A 215 21.93 -11.75 -8.45
N ARG A 216 22.36 -12.95 -8.07
CA ARG A 216 23.71 -13.41 -8.35
C ARG A 216 24.01 -13.32 -9.85
N GLU B 1 44.97 15.57 34.75
CA GLU B 1 44.59 14.82 35.98
C GLU B 1 45.19 13.43 36.07
N VAL B 2 44.48 12.57 36.80
CA VAL B 2 44.89 11.19 37.01
C VAL B 2 44.34 10.25 35.94
N LYS B 3 45.15 9.25 35.59
CA LYS B 3 44.79 8.27 34.58
C LYS B 3 45.15 6.86 35.03
N LEU B 4 44.24 5.91 34.78
CA LEU B 4 44.45 4.53 35.12
C LEU B 4 44.29 3.72 33.84
N SER B 5 45.16 2.74 33.61
CA SER B 5 45.12 1.92 32.41
C SER B 5 45.41 0.45 32.73
N GLU B 6 44.42 -0.42 32.53
CA GLU B 6 44.61 -1.85 32.78
C GLU B 6 45.25 -2.49 31.57
N SER B 7 46.13 -3.47 31.82
CA SER B 7 46.81 -4.22 30.76
C SER B 7 46.93 -5.66 31.22
N GLY B 8 47.00 -6.58 30.27
CA GLY B 8 47.11 -7.99 30.62
C GLY B 8 46.56 -8.90 29.54
N PRO B 9 46.91 -10.19 29.58
CA PRO B 9 46.42 -11.14 28.58
C PRO B 9 44.92 -11.27 28.56
N GLY B 10 44.33 -11.13 27.38
CA GLY B 10 42.90 -11.22 27.25
C GLY B 10 42.40 -12.65 27.18
N LEU B 11 43.32 -13.62 27.22
CA LEU B 11 42.89 -15.01 27.17
C LEU B 11 43.63 -15.87 28.18
N VAL B 12 42.84 -16.64 28.94
CA VAL B 12 43.38 -17.54 29.95
C VAL B 12 42.69 -18.90 29.86
N LYS B 13 43.50 -19.94 30.02
CA LYS B 13 43.02 -21.32 29.97
C LYS B 13 42.48 -21.60 31.34
N PRO B 14 41.41 -22.40 31.41
CA PRO B 14 40.84 -22.71 32.73
C PRO B 14 41.84 -23.42 33.68
N SER B 15 41.71 -23.16 34.99
CA SER B 15 42.59 -23.69 36.01
C SER B 15 43.79 -22.85 36.22
N GLN B 16 44.07 -22.03 35.24
CA GLN B 16 45.26 -21.24 35.34
C GLN B 16 45.04 -20.02 36.17
N SER B 17 46.14 -19.29 36.30
CA SER B 17 46.13 -18.07 37.01
C SER B 17 46.06 -16.87 36.10
N LEU B 18 45.17 -15.95 36.46
CA LEU B 18 44.95 -14.70 35.75
C LEU B 18 45.76 -13.55 36.39
N SER B 19 46.33 -12.67 35.56
CA SER B 19 47.13 -11.52 36.03
C SER B 19 47.02 -10.23 35.22
N LEU B 20 46.50 -9.19 35.87
CA LEU B 20 46.33 -7.87 35.25
C LEU B 20 47.10 -6.79 36.03
N THR B 21 47.49 -5.75 35.29
CA THR B 21 48.22 -4.61 35.83
C THR B 21 47.44 -3.34 35.58
N CYS B 22 47.51 -2.41 36.52
CA CYS B 22 46.85 -1.12 36.34
C CYS B 22 47.95 -0.10 36.56
N THR B 23 48.28 0.64 35.51
CA THR B 23 49.33 1.65 35.59
C THR B 23 48.72 3.03 35.81
N VAL B 24 49.07 3.65 36.93
CA VAL B 24 48.56 4.99 37.25
C VAL B 24 49.56 6.06 36.82
N THR B 25 49.07 7.25 36.48
CA THR B 25 49.94 8.36 36.11
C THR B 25 49.28 9.65 36.60
N GLY B 26 50.12 10.59 37.00
CA GLY B 26 49.60 11.84 37.49
C GLY B 26 49.32 11.79 38.98
N TYR B 27 49.39 10.59 39.56
CA TYR B 27 49.12 10.45 40.98
C TYR B 27 49.77 9.19 41.55
N SER B 28 50.29 9.31 42.77
CA SER B 28 50.97 8.24 43.49
C SER B 28 50.03 7.21 44.11
N ILE B 29 50.38 5.93 44.00
CA ILE B 29 49.56 4.86 44.57
C ILE B 29 49.90 4.59 46.02
N THR B 30 50.95 5.25 46.52
CA THR B 30 51.33 5.05 47.91
C THR B 30 50.57 6.02 48.79
N THR B 31 49.33 6.28 48.40
CA THR B 31 48.47 7.19 49.14
C THR B 31 47.36 6.41 49.83
N ASN B 32 46.68 7.02 50.81
CA ASN B 32 45.62 6.30 51.53
C ASN B 32 44.29 6.17 50.79
N TYR B 33 44.34 5.73 49.54
CA TYR B 33 43.13 5.55 48.74
C TYR B 33 42.95 4.07 48.47
N ALA B 34 41.72 3.66 48.34
CA ALA B 34 41.43 2.28 48.06
C ALA B 34 41.57 2.06 46.56
N TRP B 35 42.75 1.65 46.15
CA TRP B 35 43.02 1.30 44.74
C TRP B 35 42.35 -0.03 44.53
N THR B 36 41.22 -0.03 43.84
CA THR B 36 40.44 -1.23 43.70
C THR B 36 40.27 -1.86 42.33
N TRP B 37 39.89 -3.13 42.35
CA TRP B 37 39.64 -3.91 41.16
C TRP B 37 38.17 -4.28 41.17
N ILE B 38 37.51 -4.12 40.03
CA ILE B 38 36.11 -4.47 39.92
C ILE B 38 35.94 -5.17 38.59
N ARG B 39 34.90 -5.97 38.46
CA ARG B 39 34.69 -6.64 37.18
C ARG B 39 33.22 -6.65 36.80
N GLN B 40 32.97 -6.78 35.50
CA GLN B 40 31.60 -6.80 35.00
C GLN B 40 31.38 -8.01 34.11
N PHE B 41 30.50 -8.88 34.58
CA PHE B 41 30.17 -10.12 33.90
C PHE B 41 29.27 -9.92 32.71
N PRO B 42 29.19 -10.93 31.83
CA PRO B 42 28.31 -10.82 30.65
C PRO B 42 26.92 -10.82 31.32
N GLY B 43 26.14 -9.78 31.03
CA GLY B 43 24.85 -9.63 31.65
C GLY B 43 24.94 -8.29 32.34
N ASN B 44 26.16 -7.78 32.42
CA ASN B 44 26.48 -6.50 33.02
C ASN B 44 26.47 -6.42 34.53
N LYS B 45 26.40 -7.57 35.18
CA LYS B 45 26.42 -7.59 36.63
C LYS B 45 27.82 -7.13 37.08
N LEU B 46 27.86 -6.14 37.97
CA LEU B 46 29.13 -5.62 38.46
C LEU B 46 29.50 -6.19 39.83
N GLU B 47 30.75 -6.60 39.98
CA GLU B 47 31.22 -7.17 41.25
C GLU B 47 32.50 -6.52 41.80
N TRP B 48 32.50 -6.24 43.12
CA TRP B 48 33.65 -5.68 43.81
C TRP B 48 34.56 -6.85 44.17
N MET B 49 35.85 -6.74 43.83
CA MET B 49 36.84 -7.78 44.09
C MET B 49 37.78 -7.58 45.27
N GLY B 50 38.35 -6.38 45.39
CA GLY B 50 39.26 -6.08 46.48
C GLY B 50 40.00 -4.78 46.24
N TYR B 51 40.85 -4.40 47.18
CA TYR B 51 41.61 -3.17 47.03
C TYR B 51 42.88 -3.15 47.88
N ILE B 52 43.85 -2.34 47.48
CA ILE B 52 45.07 -2.23 48.26
C ILE B 52 45.14 -0.75 48.61
N ARG B 53 45.49 -0.45 49.86
CA ARG B 53 45.56 0.95 50.29
C ARG B 53 46.77 1.21 51.16
N SER B 54 47.35 2.40 50.99
CA SER B 54 48.50 2.81 51.74
C SER B 54 49.64 1.81 51.59
N SER B 55 49.64 1.11 50.47
CA SER B 55 50.69 0.13 50.18
C SER B 55 50.68 -1.16 50.99
N VAL B 56 50.01 -1.20 52.14
CA VAL B 56 50.03 -2.43 52.94
C VAL B 56 48.69 -2.90 53.49
N ILE B 57 47.60 -2.28 53.06
CA ILE B 57 46.27 -2.67 53.49
C ILE B 57 45.52 -3.28 52.30
N THR B 58 45.12 -4.53 52.41
CA THR B 58 44.36 -5.17 51.35
C THR B 58 43.09 -5.81 51.94
N ARG B 59 41.98 -5.67 51.23
CA ARG B 59 40.72 -6.25 51.64
C ARG B 59 40.23 -7.00 50.39
N TYR B 60 39.47 -8.07 50.58
CA TYR B 60 39.02 -8.81 49.42
C TYR B 60 37.58 -9.24 49.58
N ASN B 61 37.00 -9.72 48.47
CA ASN B 61 35.63 -10.19 48.48
C ASN B 61 35.67 -11.61 49.03
N PRO B 62 34.98 -11.86 50.16
CA PRO B 62 34.97 -13.19 50.77
C PRO B 62 34.77 -14.29 49.74
N SER B 63 33.86 -14.02 48.80
CA SER B 63 33.52 -14.99 47.77
C SER B 63 34.62 -15.44 46.80
N LEU B 64 35.67 -14.64 46.62
CA LEU B 64 36.74 -15.02 45.70
C LEU B 64 37.67 -15.93 46.45
N LYS B 65 37.35 -16.09 47.74
CA LYS B 65 38.11 -16.94 48.64
C LYS B 65 39.54 -16.51 48.83
N SER B 66 40.41 -17.51 48.75
CA SER B 66 41.82 -17.30 48.92
C SER B 66 42.53 -17.43 47.58
N ARG B 67 41.83 -17.17 46.48
CA ARG B 67 42.51 -17.26 45.20
C ARG B 67 42.82 -15.88 44.65
N ILE B 68 42.50 -14.87 45.45
CA ILE B 68 42.74 -13.49 45.08
C ILE B 68 43.91 -12.85 45.84
N SER B 69 44.75 -12.13 45.10
CA SER B 69 45.89 -11.46 45.67
C SER B 69 46.13 -10.11 44.98
N ILE B 70 46.16 -9.05 45.77
CA ILE B 70 46.39 -7.69 45.27
C ILE B 70 47.70 -7.10 45.83
N THR B 71 48.64 -6.86 44.93
CA THR B 71 49.94 -6.32 45.29
C THR B 71 50.28 -5.07 44.47
N GLN B 72 51.44 -4.47 44.73
CA GLN B 72 51.87 -3.24 44.03
C GLN B 72 53.37 -3.12 43.85
N ASP B 73 53.78 -2.07 43.14
CA ASP B 73 55.19 -1.80 42.85
C ASP B 73 55.36 -0.29 42.81
N THR B 74 55.86 0.28 43.90
CA THR B 74 56.04 1.73 44.01
C THR B 74 56.98 2.33 42.97
N SER B 75 58.04 1.61 42.61
CA SER B 75 59.00 2.13 41.64
C SER B 75 58.34 2.44 40.29
N LYS B 76 57.48 1.53 39.80
CA LYS B 76 56.82 1.73 38.51
C LYS B 76 55.44 2.37 38.66
N ASN B 77 54.95 2.44 39.91
CA ASN B 77 53.62 3.00 40.28
C ASN B 77 52.42 2.25 39.71
N GLN B 78 52.42 0.91 39.86
CA GLN B 78 51.33 0.06 39.37
C GLN B 78 50.93 -1.00 40.41
N PHE B 79 49.63 -1.28 40.54
CA PHE B 79 49.24 -2.37 41.44
C PHE B 79 48.78 -3.50 40.54
N PHE B 80 48.80 -4.71 41.05
CA PHE B 80 48.47 -5.84 40.22
C PHE B 80 47.33 -6.66 40.76
N LEU B 81 46.75 -7.45 39.88
CA LEU B 81 45.69 -8.33 40.30
C LEU B 81 46.12 -9.70 39.88
N GLN B 82 45.86 -10.68 40.73
CA GLN B 82 46.20 -12.06 40.44
C GLN B 82 45.06 -12.88 40.98
N LEU B 83 44.51 -13.76 40.15
CA LEU B 83 43.40 -14.64 40.53
C LEU B 83 43.66 -16.09 40.16
N ASN B 84 43.99 -16.91 41.17
CA ASN B 84 44.29 -18.32 40.96
C ASN B 84 43.17 -19.20 40.43
N SER B 85 43.56 -20.35 39.89
CA SER B 85 42.62 -21.34 39.36
C SER B 85 41.36 -20.78 38.71
N VAL B 86 41.48 -19.96 37.68
CA VAL B 86 40.26 -19.44 37.08
C VAL B 86 39.40 -20.46 36.29
N THR B 87 38.10 -20.21 36.27
CA THR B 87 37.16 -21.06 35.54
C THR B 87 36.43 -20.14 34.55
N THR B 88 35.70 -20.69 33.59
CA THR B 88 35.01 -19.85 32.63
C THR B 88 34.15 -18.83 33.40
N GLU B 89 33.69 -19.23 34.57
CA GLU B 89 32.86 -18.38 35.42
C GLU B 89 33.49 -17.00 35.66
N ASP B 90 34.80 -16.92 35.52
CA ASP B 90 35.54 -15.67 35.74
C ASP B 90 35.70 -14.76 34.49
N THR B 91 35.16 -15.22 33.36
CA THR B 91 35.22 -14.47 32.13
C THR B 91 34.53 -13.15 32.39
N ALA B 92 35.15 -12.03 32.07
CA ALA B 92 34.50 -10.74 32.30
C ALA B 92 35.43 -9.60 31.99
N THR B 93 34.94 -8.37 32.14
CA THR B 93 35.76 -7.20 31.91
C THR B 93 36.24 -6.67 33.25
N TYR B 94 37.54 -6.41 33.34
CA TYR B 94 38.13 -5.92 34.57
C TYR B 94 38.49 -4.45 34.56
N TYR B 95 37.99 -3.73 35.55
CA TYR B 95 38.21 -2.29 35.70
C TYR B 95 38.97 -1.98 36.98
N CYS B 96 39.89 -1.04 36.92
CA CYS B 96 40.59 -0.64 38.12
C CYS B 96 40.00 0.72 38.37
N ALA B 97 40.02 1.13 39.63
CA ALA B 97 39.47 2.42 40.03
C ALA B 97 40.04 2.84 41.37
N ARG B 98 39.80 4.10 41.73
CA ARG B 98 40.28 4.68 42.97
C ARG B 98 39.12 5.15 43.85
N TYR B 99 38.76 4.36 44.85
CA TYR B 99 37.68 4.76 45.74
C TYR B 99 38.25 5.43 46.98
N ASP B 100 37.51 6.41 47.52
CA ASP B 100 37.97 7.05 48.74
C ASP B 100 37.04 6.63 49.86
N TYR B 101 37.24 7.24 51.00
CA TYR B 101 36.44 6.93 52.18
C TYR B 101 34.94 6.91 51.93
N TYR B 102 34.45 8.00 51.35
CA TYR B 102 33.02 8.19 51.12
C TYR B 102 32.42 7.60 49.84
N GLY B 103 33.14 6.65 49.23
CA GLY B 103 32.66 5.99 48.02
C GLY B 103 32.80 6.76 46.72
N ASN B 104 33.40 7.94 46.79
CA ASN B 104 33.58 8.76 45.62
C ASN B 104 34.77 8.26 44.81
N THR B 105 34.57 8.14 43.50
CA THR B 105 35.61 7.66 42.58
C THR B 105 35.97 8.72 41.55
N GLY B 106 35.03 9.63 41.27
CA GLY B 106 35.29 10.67 40.32
C GLY B 106 35.38 10.05 38.94
N ASP B 107 36.30 10.57 38.14
CA ASP B 107 36.55 10.04 36.79
C ASP B 107 37.76 9.13 36.82
N TYR B 108 38.06 8.58 37.99
CA TYR B 108 39.22 7.72 38.14
C TYR B 108 38.93 6.23 38.02
N TRP B 109 38.66 5.82 36.78
CA TRP B 109 38.39 4.44 36.42
C TRP B 109 39.23 4.16 35.17
N GLY B 110 39.64 2.91 34.98
CA GLY B 110 40.41 2.57 33.81
C GLY B 110 39.42 2.35 32.69
N GLN B 111 39.88 1.98 31.50
CA GLN B 111 38.96 1.75 30.38
C GLN B 111 38.40 0.33 30.43
N GLY B 112 38.90 -0.46 31.38
CA GLY B 112 38.45 -1.82 31.54
C GLY B 112 39.16 -2.74 30.55
N THR B 113 39.54 -3.94 30.98
CA THR B 113 40.20 -4.85 30.06
C THR B 113 39.49 -6.21 30.10
N SER B 114 39.06 -6.67 28.94
CA SER B 114 38.33 -7.92 28.83
C SER B 114 39.16 -9.18 28.98
N VAL B 115 38.71 -10.07 29.87
CA VAL B 115 39.39 -11.34 30.09
C VAL B 115 38.41 -12.47 29.86
N THR B 116 38.84 -13.43 29.07
CA THR B 116 38.04 -14.59 28.71
C THR B 116 38.76 -15.85 29.13
N VAL B 117 38.04 -16.73 29.83
CA VAL B 117 38.63 -18.00 30.26
C VAL B 117 38.05 -19.10 29.40
N SER B 118 38.93 -19.75 28.64
CA SER B 118 38.55 -20.82 27.73
C SER B 118 39.77 -21.59 27.23
N SER B 119 39.50 -22.78 26.68
CA SER B 119 40.53 -23.66 26.15
C SER B 119 40.81 -23.42 24.68
N ALA B 120 39.85 -22.79 24.00
CA ALA B 120 39.97 -22.50 22.58
C ALA B 120 41.26 -21.73 22.27
N LYS B 121 41.72 -21.82 21.02
CA LYS B 121 42.94 -21.12 20.64
C LYS B 121 42.59 -19.73 20.10
N THR B 122 43.54 -18.82 20.20
CA THR B 122 43.35 -17.48 19.67
C THR B 122 43.36 -17.59 18.16
N THR B 123 42.41 -16.92 17.53
CA THR B 123 42.30 -16.91 16.08
C THR B 123 42.07 -15.49 15.61
N PRO B 124 42.96 -15.00 14.75
CA PRO B 124 42.77 -13.64 14.25
C PRO B 124 41.53 -13.62 13.36
N PRO B 125 40.97 -12.43 13.08
CA PRO B 125 39.78 -12.29 12.25
C PRO B 125 40.09 -12.12 10.76
N SER B 126 39.11 -12.44 9.93
CA SER B 126 39.26 -12.24 8.49
C SER B 126 38.29 -11.11 8.13
N VAL B 127 38.83 -10.06 7.51
CA VAL B 127 38.03 -8.90 7.15
C VAL B 127 37.59 -8.93 5.69
N TYR B 128 36.29 -8.71 5.45
CA TYR B 128 35.75 -8.69 4.10
C TYR B 128 35.07 -7.36 3.82
N PRO B 129 35.18 -6.88 2.58
CA PRO B 129 34.58 -5.61 2.17
C PRO B 129 33.12 -5.72 1.76
N LEU B 130 32.32 -4.74 2.16
CA LEU B 130 30.93 -4.71 1.81
C LEU B 130 30.67 -3.49 0.95
N ALA B 131 30.59 -3.77 -0.34
CA ALA B 131 30.30 -2.74 -1.30
C ALA B 131 28.84 -2.95 -1.76
N PRO B 132 28.35 -1.94 -2.43
CA PRO B 132 27.06 -2.12 -3.12
C PRO B 132 27.24 -2.87 -4.45
N GLY B 133 26.37 -3.85 -4.69
CA GLY B 133 26.46 -4.62 -5.92
C GLY B 133 26.17 -3.77 -7.15
N THR B 134 25.12 -2.95 -7.04
CA THR B 134 24.71 -2.07 -8.13
C THR B 134 24.61 -0.62 -7.70
N ALA B 135 24.04 0.18 -8.59
CA ALA B 135 23.85 1.61 -8.37
C ALA B 135 22.48 1.88 -7.77
N ALA B 136 22.27 3.13 -7.36
CA ALA B 136 21.00 3.55 -6.78
C ALA B 136 20.87 5.07 -6.89
N LEU B 137 19.76 5.59 -6.40
CA LEU B 137 19.47 7.02 -6.40
C LEU B 137 20.60 7.85 -5.79
N LYS B 138 21.51 8.30 -6.65
CA LYS B 138 22.65 9.13 -6.22
C LYS B 138 22.14 10.49 -5.73
N SER B 139 23.04 11.46 -5.62
CA SER B 139 22.70 12.80 -5.15
C SER B 139 22.12 12.69 -3.74
N SER B 140 22.59 11.71 -3.00
CA SER B 140 22.17 11.41 -1.62
C SER B 140 23.33 10.66 -0.94
N MET B 141 22.99 9.75 -0.03
CA MET B 141 24.00 9.01 0.72
C MET B 141 24.23 7.60 0.23
N VAL B 142 25.43 7.07 0.44
CA VAL B 142 25.79 5.70 0.06
C VAL B 142 26.29 4.98 1.31
N THR B 143 25.89 3.72 1.48
CA THR B 143 26.31 2.93 2.64
C THR B 143 27.25 1.80 2.28
N LEU B 144 28.42 1.81 2.91
CA LEU B 144 29.44 0.81 2.69
C LEU B 144 29.62 0.08 4.02
N GLY B 145 30.58 -0.84 4.09
CA GLY B 145 30.80 -1.56 5.34
C GLY B 145 31.81 -2.69 5.32
N CYS B 146 32.13 -3.21 6.50
CA CYS B 146 33.09 -4.30 6.63
C CYS B 146 32.49 -5.44 7.42
N LEU B 147 32.98 -6.65 7.19
CA LEU B 147 32.50 -7.81 7.92
C LEU B 147 33.70 -8.46 8.56
N VAL B 148 33.68 -8.55 9.88
CA VAL B 148 34.76 -9.16 10.64
C VAL B 148 34.22 -10.52 11.02
N LYS B 149 34.92 -11.57 10.61
CA LYS B 149 34.44 -12.90 10.87
C LYS B 149 35.44 -13.95 11.34
N GLY B 150 35.04 -14.73 12.34
CA GLY B 150 35.85 -15.81 12.85
C GLY B 150 37.03 -15.53 13.75
N TYR B 151 36.90 -14.54 14.64
CA TYR B 151 37.99 -14.20 15.54
C TYR B 151 37.71 -14.67 16.95
N PHE B 152 38.77 -14.95 17.70
CA PHE B 152 38.62 -15.34 19.09
C PHE B 152 39.86 -14.94 19.89
N PRO B 153 39.67 -14.32 21.06
CA PRO B 153 38.39 -13.98 21.68
C PRO B 153 38.09 -12.48 21.47
N GLU B 154 37.11 -11.95 22.20
CA GLU B 154 36.79 -10.53 22.13
C GLU B 154 37.96 -9.82 22.81
N PRO B 155 38.24 -8.54 22.47
CA PRO B 155 37.52 -7.69 21.52
C PRO B 155 38.30 -7.34 20.24
N VAL B 156 37.63 -6.61 19.37
CA VAL B 156 38.16 -6.13 18.12
C VAL B 156 37.69 -4.68 18.03
N THR B 157 38.56 -3.76 17.65
CA THR B 157 38.11 -2.37 17.53
C THR B 157 38.11 -2.04 16.05
N VAL B 158 37.04 -1.42 15.58
CA VAL B 158 36.97 -1.06 14.17
C VAL B 158 36.92 0.45 14.06
N THR B 159 37.70 1.00 13.14
CA THR B 159 37.70 2.43 12.89
C THR B 159 37.75 2.58 11.38
N TRP B 160 37.29 3.73 10.87
CA TRP B 160 37.30 3.96 9.45
C TRP B 160 38.29 5.06 9.10
N ASN B 161 38.98 4.85 7.98
CA ASN B 161 40.01 5.76 7.48
C ASN B 161 40.93 6.18 8.62
N SER B 162 41.42 5.16 9.32
CA SER B 162 42.33 5.35 10.44
C SER B 162 41.69 6.13 11.59
N GLY B 163 40.37 6.17 11.63
CA GLY B 163 39.68 6.89 12.69
C GLY B 163 39.37 8.33 12.35
N SER B 164 39.80 8.79 11.17
CA SER B 164 39.55 10.16 10.75
C SER B 164 38.15 10.34 10.18
N LEU B 165 37.33 9.30 10.29
CA LEU B 165 35.95 9.30 9.79
C LEU B 165 35.15 8.58 10.87
N SER B 166 34.42 9.34 11.68
CA SER B 166 33.65 8.78 12.80
C SER B 166 32.14 8.93 12.72
N SER B 167 31.67 9.91 11.95
CA SER B 167 30.23 10.11 11.80
C SER B 167 29.70 9.25 10.66
N GLY B 168 28.49 8.73 10.84
CA GLY B 168 27.90 7.89 9.82
C GLY B 168 28.43 6.48 9.92
N VAL B 169 29.01 6.18 11.08
CA VAL B 169 29.56 4.85 11.32
C VAL B 169 28.74 4.07 12.32
N HIS B 170 28.51 2.81 12.02
CA HIS B 170 27.76 1.95 12.91
C HIS B 170 28.42 0.59 13.04
N THR B 171 28.90 0.30 14.23
CA THR B 171 29.53 -0.99 14.45
C THR B 171 28.63 -1.79 15.39
N PHE B 172 28.28 -3.00 14.95
CA PHE B 172 27.39 -3.87 15.68
C PHE B 172 28.07 -4.85 16.60
N PRO B 173 27.38 -5.24 17.67
CA PRO B 173 27.83 -6.18 18.70
C PRO B 173 28.17 -7.52 18.08
N ALA B 174 29.32 -8.07 18.46
CA ALA B 174 29.78 -9.34 17.91
C ALA B 174 28.89 -10.48 18.35
N VAL B 175 28.58 -11.35 17.41
CA VAL B 175 27.77 -12.51 17.73
C VAL B 175 28.67 -13.74 17.65
N LEU B 176 28.49 -14.61 18.63
CA LEU B 176 29.27 -15.84 18.75
C LEU B 176 28.71 -16.93 17.86
N GLN B 177 29.54 -17.91 17.52
CA GLN B 177 29.11 -19.02 16.68
C GLN B 177 30.20 -20.06 16.42
N SER B 178 30.08 -21.21 17.05
CA SER B 178 31.07 -22.26 16.90
C SER B 178 32.28 -21.74 17.64
N ASP B 179 32.03 -21.02 18.71
CA ASP B 179 33.10 -20.46 19.52
C ASP B 179 33.96 -19.48 18.70
N LEU B 180 33.36 -18.82 17.72
CA LEU B 180 34.07 -17.85 16.89
C LEU B 180 33.21 -16.61 16.69
N TYR B 181 33.78 -15.45 16.98
CA TYR B 181 33.08 -14.18 16.86
C TYR B 181 33.02 -13.60 15.45
N THR B 182 31.90 -12.98 15.15
CA THR B 182 31.72 -12.34 13.86
C THR B 182 30.93 -11.09 14.13
N LEU B 183 31.27 -10.02 13.44
CA LEU B 183 30.55 -8.77 13.63
C LEU B 183 30.68 -7.95 12.39
N THR B 184 29.84 -6.92 12.27
CA THR B 184 29.87 -6.06 11.11
C THR B 184 29.91 -4.62 11.52
N SER B 185 30.22 -3.75 10.56
CA SER B 185 30.25 -2.31 10.77
C SER B 185 29.85 -1.64 9.47
N SER B 186 29.04 -0.59 9.56
CA SER B 186 28.63 0.13 8.36
C SER B 186 29.08 1.59 8.47
N VAL B 187 29.12 2.24 7.32
CA VAL B 187 29.49 3.64 7.27
C VAL B 187 28.74 4.26 6.10
N THR B 188 28.30 5.49 6.30
CA THR B 188 27.52 6.15 5.28
C THR B 188 28.12 7.48 4.88
N VAL B 189 28.33 7.62 3.58
CA VAL B 189 28.93 8.83 3.04
C VAL B 189 28.18 9.34 1.82
N PRO B 190 28.37 10.62 1.48
CA PRO B 190 27.73 11.27 0.33
C PRO B 190 28.17 10.56 -0.93
N SER B 191 27.22 10.08 -1.70
CA SER B 191 27.52 9.34 -2.93
C SER B 191 28.57 10.02 -3.78
N SER B 192 28.46 11.34 -3.85
CA SER B 192 29.38 12.15 -4.63
C SER B 192 30.81 11.89 -4.21
N THR B 193 31.01 11.38 -3.00
CA THR B 193 32.35 11.15 -2.47
C THR B 193 32.96 9.77 -2.72
N TRP B 194 32.12 8.73 -2.81
CA TRP B 194 32.63 7.38 -3.07
C TRP B 194 32.23 6.95 -4.48
N PRO B 195 33.12 6.23 -5.20
CA PRO B 195 34.45 5.76 -4.79
C PRO B 195 35.60 6.71 -5.07
N SER B 196 35.30 7.95 -5.45
CA SER B 196 36.40 8.87 -5.70
C SER B 196 37.25 8.79 -4.46
N GLN B 197 36.84 9.46 -3.38
CA GLN B 197 37.60 9.44 -2.14
C GLN B 197 37.51 8.01 -1.62
N THR B 198 38.64 7.34 -1.46
CA THR B 198 38.61 5.96 -0.97
C THR B 198 38.18 5.86 0.49
N VAL B 199 37.64 4.70 0.83
CA VAL B 199 37.15 4.42 2.18
C VAL B 199 37.65 3.06 2.64
N THR B 200 38.41 3.06 3.73
CA THR B 200 39.00 1.86 4.32
C THR B 200 38.44 1.63 5.72
N CYS B 201 38.58 0.40 6.19
CA CYS B 201 38.15 0.11 7.55
C CYS B 201 39.34 -0.61 8.17
N ASN B 202 39.66 -0.23 9.40
CA ASN B 202 40.77 -0.82 10.11
C ASN B 202 40.24 -1.67 11.23
N VAL B 203 40.78 -2.88 11.33
CA VAL B 203 40.35 -3.82 12.34
C VAL B 203 41.58 -4.29 13.09
N ALA B 204 41.58 -4.05 14.39
CA ALA B 204 42.71 -4.47 15.18
C ALA B 204 42.20 -5.52 16.16
N HIS B 205 42.94 -6.62 16.25
CA HIS B 205 42.61 -7.71 17.15
C HIS B 205 43.83 -7.88 18.08
N PRO B 206 43.81 -7.18 19.22
CA PRO B 206 44.93 -7.27 20.16
C PRO B 206 45.33 -8.70 20.53
N ALA B 207 44.36 -9.55 20.87
CA ALA B 207 44.62 -10.92 21.26
C ALA B 207 45.62 -11.65 20.36
N SER B 208 45.55 -11.40 19.05
CA SER B 208 46.45 -12.07 18.10
C SER B 208 47.53 -11.14 17.59
N SER B 209 47.48 -9.89 18.04
CA SER B 209 48.47 -8.94 17.62
C SER B 209 48.37 -8.60 16.14
N THR B 210 47.15 -8.50 15.65
CA THR B 210 47.01 -8.23 14.24
C THR B 210 46.11 -7.03 14.00
N LYS B 211 46.40 -6.33 12.91
CA LYS B 211 45.66 -5.16 12.51
C LYS B 211 45.47 -5.26 11.00
N VAL B 212 44.24 -5.14 10.54
CA VAL B 212 43.96 -5.22 9.12
C VAL B 212 43.28 -3.93 8.65
N ASP B 213 43.63 -3.48 7.45
CA ASP B 213 43.04 -2.29 6.87
C ASP B 213 42.47 -2.81 5.56
N LYS B 214 41.21 -2.52 5.30
CA LYS B 214 40.62 -3.01 4.07
C LYS B 214 39.96 -1.85 3.32
N LYS B 215 40.35 -1.64 2.07
CA LYS B 215 39.78 -0.58 1.24
C LYS B 215 38.52 -1.11 0.58
N ILE B 216 37.47 -0.30 0.56
CA ILE B 216 36.20 -0.71 -0.05
C ILE B 216 36.18 -0.21 -1.49
N VAL B 217 36.23 -1.13 -2.45
CA VAL B 217 36.24 -0.71 -3.83
C VAL B 217 35.04 -1.20 -4.60
N PRO B 218 34.70 -0.48 -5.67
CA PRO B 218 33.57 -0.80 -6.54
C PRO B 218 33.76 -2.20 -7.08
N ARG B 219 32.69 -2.97 -7.11
CA ARG B 219 32.78 -4.34 -7.60
C ARG B 219 32.71 -4.38 -9.14
N ASP C 1 -8.50 24.06 -26.20
CA ASP C 1 -8.56 23.00 -25.16
C ASP C 1 -7.77 21.78 -25.68
N ILE C 2 -7.93 20.64 -25.00
CA ILE C 2 -7.24 19.43 -25.44
C ILE C 2 -8.20 18.67 -26.33
N VAL C 3 -7.64 17.89 -27.25
CA VAL C 3 -8.46 17.08 -28.13
C VAL C 3 -8.05 15.63 -27.91
N ILE C 4 -9.01 14.81 -27.54
CA ILE C 4 -8.76 13.40 -27.28
C ILE C 4 -9.23 12.53 -28.44
N THR C 5 -8.34 11.70 -28.96
CA THR C 5 -8.67 10.83 -30.08
C THR C 5 -8.62 9.34 -29.74
N GLN C 6 -9.72 8.64 -30.06
CA GLN C 6 -9.81 7.21 -29.82
C GLN C 6 -9.98 6.48 -31.14
N ASP C 7 -9.09 5.51 -31.39
CA ASP C 7 -9.15 4.72 -32.63
C ASP C 7 -10.05 3.49 -32.48
N GLU C 8 -10.82 3.23 -33.53
CA GLU C 8 -11.74 2.11 -33.53
C GLU C 8 -10.96 0.80 -33.75
N LEU C 9 -11.53 -0.29 -33.24
CA LEU C 9 -10.94 -1.61 -33.39
C LEU C 9 -11.23 -2.03 -34.81
N SER C 10 -10.34 -2.81 -35.42
CA SER C 10 -10.53 -3.23 -36.81
C SER C 10 -11.43 -4.45 -37.03
N ASN C 11 -11.77 -5.17 -35.97
CA ASN C 11 -12.59 -6.38 -36.08
C ASN C 11 -13.00 -6.93 -34.72
N PRO C 12 -13.99 -7.85 -34.69
CA PRO C 12 -14.47 -8.45 -33.44
C PRO C 12 -13.42 -9.42 -32.88
N VAL C 13 -13.16 -9.30 -31.60
CA VAL C 13 -12.16 -10.12 -30.95
C VAL C 13 -12.60 -11.52 -30.49
N THR C 14 -11.61 -12.41 -30.31
CA THR C 14 -11.86 -13.76 -29.83
C THR C 14 -11.75 -13.75 -28.30
N SER C 15 -12.78 -14.32 -27.67
CA SER C 15 -12.88 -14.41 -26.23
C SER C 15 -11.65 -15.12 -25.66
N GLY C 16 -11.16 -14.66 -24.51
CA GLY C 16 -9.99 -15.29 -23.92
C GLY C 16 -8.67 -14.73 -24.42
N GLU C 17 -8.74 -13.78 -25.35
CA GLU C 17 -7.54 -13.16 -25.88
C GLU C 17 -7.34 -11.79 -25.28
N SER C 18 -6.18 -11.21 -25.52
CA SER C 18 -5.83 -9.91 -25.01
C SER C 18 -6.13 -8.78 -25.97
N VAL C 19 -6.88 -7.79 -25.48
CA VAL C 19 -7.28 -6.66 -26.28
C VAL C 19 -6.65 -5.35 -25.82
N SER C 20 -6.27 -4.51 -26.78
CA SER C 20 -5.68 -3.19 -26.51
C SER C 20 -6.53 -2.05 -27.11
N ILE C 21 -6.86 -1.07 -26.28
CA ILE C 21 -7.65 0.06 -26.74
C ILE C 21 -6.76 1.31 -26.57
N SER C 22 -6.67 2.12 -27.63
CA SER C 22 -5.84 3.32 -27.64
C SER C 22 -6.58 4.65 -27.57
N CYS C 23 -5.93 5.61 -26.92
CA CYS C 23 -6.48 6.96 -26.71
C CYS C 23 -5.31 7.95 -26.72
N ARG C 24 -5.39 9.01 -27.53
CA ARG C 24 -4.31 10.00 -27.54
C ARG C 24 -4.76 11.43 -27.26
N SER C 25 -3.86 12.17 -26.61
CA SER C 25 -4.11 13.57 -26.25
C SER C 25 -3.17 14.54 -26.95
N SER C 26 -3.71 15.63 -27.51
CA SER C 26 -2.87 16.61 -28.17
C SER C 26 -2.02 17.40 -27.18
N ARG C 27 -2.17 17.10 -25.89
CA ARG C 27 -1.43 17.76 -24.80
C ARG C 27 -1.02 16.71 -23.76
N SER C 28 0.15 16.89 -23.14
CA SER C 28 0.60 15.93 -22.14
C SER C 28 -0.34 15.95 -20.94
N LEU C 29 -0.67 14.78 -20.42
CA LEU C 29 -1.58 14.66 -19.29
C LEU C 29 -0.81 14.47 -17.97
N LEU C 30 0.51 14.65 -18.01
CA LEU C 30 1.36 14.54 -16.82
C LEU C 30 1.35 15.84 -16.01
N TYR C 31 1.05 15.75 -14.72
CA TYR C 31 0.97 16.92 -13.86
C TYR C 31 2.22 17.19 -13.02
N LYS C 32 2.33 18.43 -12.53
CA LYS C 32 3.48 18.87 -11.70
C LYS C 32 3.75 17.93 -10.52
N ASP C 33 2.78 17.09 -10.18
CA ASP C 33 2.94 16.14 -9.08
C ASP C 33 3.41 14.77 -9.59
N GLY C 34 3.75 14.70 -10.88
CA GLY C 34 4.23 13.45 -11.45
C GLY C 34 3.14 12.46 -11.83
N ARG C 35 1.89 12.78 -11.51
CA ARG C 35 0.77 11.91 -11.81
C ARG C 35 0.12 12.27 -13.13
N THR C 36 -0.24 11.25 -13.92
CA THR C 36 -0.89 11.43 -15.21
C THR C 36 -2.39 11.21 -15.00
N TYR C 37 -3.19 12.25 -15.22
CA TYR C 37 -4.63 12.17 -15.01
C TYR C 37 -5.44 11.75 -16.23
N LEU C 38 -5.74 10.45 -16.31
CA LEU C 38 -6.52 9.90 -17.42
C LEU C 38 -7.44 8.79 -16.92
N ASN C 39 -8.70 8.85 -17.31
CA ASN C 39 -9.68 7.85 -16.89
C ASN C 39 -10.17 7.01 -18.05
N TRP C 40 -10.61 5.80 -17.75
CA TRP C 40 -11.17 4.90 -18.74
C TRP C 40 -12.54 4.47 -18.22
N PHE C 41 -13.55 4.48 -19.08
CA PHE C 41 -14.89 4.09 -18.67
C PHE C 41 -15.42 3.03 -19.63
N LEU C 42 -16.37 2.24 -19.15
CA LEU C 42 -17.05 1.24 -19.96
C LEU C 42 -18.53 1.59 -19.86
N GLN C 43 -19.20 1.70 -20.99
CA GLN C 43 -20.64 1.99 -20.96
C GLN C 43 -21.35 0.91 -21.76
N ARG C 44 -22.23 0.18 -21.08
CA ARG C 44 -23.01 -0.86 -21.71
C ARG C 44 -24.34 -0.28 -22.11
N PRO C 45 -24.90 -0.79 -23.20
CA PRO C 45 -26.19 -0.31 -23.71
C PRO C 45 -27.23 -0.11 -22.61
N GLY C 46 -27.66 1.14 -22.43
CA GLY C 46 -28.68 1.44 -21.45
C GLY C 46 -28.24 1.71 -20.02
N GLN C 47 -26.93 1.68 -19.77
CA GLN C 47 -26.43 1.93 -18.41
C GLN C 47 -25.62 3.21 -18.40
N SER C 48 -25.39 3.77 -17.22
CA SER C 48 -24.58 4.97 -17.12
C SER C 48 -23.14 4.49 -17.34
N PRO C 49 -22.18 5.42 -17.42
CA PRO C 49 -20.82 4.90 -17.61
C PRO C 49 -20.27 4.34 -16.31
N GLN C 50 -19.25 3.49 -16.45
CA GLN C 50 -18.59 2.85 -15.31
C GLN C 50 -17.07 3.01 -15.38
N LEU C 51 -16.48 3.58 -14.32
CA LEU C 51 -15.04 3.83 -14.21
C LEU C 51 -14.26 2.54 -14.13
N LEU C 52 -13.20 2.44 -14.93
CA LEU C 52 -12.38 1.23 -14.95
C LEU C 52 -11.03 1.57 -14.37
N ILE C 53 -10.40 2.57 -14.97
CA ILE C 53 -9.07 3.02 -14.57
C ILE C 53 -9.04 4.53 -14.39
N TYR C 54 -8.33 5.00 -13.37
CA TYR C 54 -8.15 6.43 -13.16
C TYR C 54 -6.66 6.62 -12.86
N LEU C 55 -6.19 7.86 -12.99
CA LEU C 55 -4.76 8.16 -12.81
C LEU C 55 -3.95 7.29 -13.77
N MET C 56 -4.57 7.03 -14.92
CA MET C 56 -3.98 6.27 -16.02
C MET C 56 -3.78 4.78 -15.79
N SER C 57 -3.28 4.40 -14.62
CA SER C 57 -3.03 2.99 -14.38
C SER C 57 -3.51 2.45 -13.04
N THR C 58 -4.49 3.10 -12.43
CA THR C 58 -5.03 2.62 -11.16
C THR C 58 -6.43 2.08 -11.35
N ARG C 59 -6.64 0.82 -10.98
CA ARG C 59 -7.95 0.18 -11.11
C ARG C 59 -8.97 0.72 -10.11
N ALA C 60 -10.17 1.04 -10.58
CA ALA C 60 -11.17 1.52 -9.66
C ALA C 60 -11.52 0.34 -8.77
N SER C 61 -12.28 0.63 -7.73
CA SER C 61 -12.71 -0.36 -6.75
C SER C 61 -13.62 -1.43 -7.35
N GLY C 62 -13.35 -2.70 -7.02
CA GLY C 62 -14.17 -3.78 -7.52
C GLY C 62 -14.10 -4.07 -9.01
N VAL C 63 -12.98 -3.72 -9.64
CA VAL C 63 -12.82 -3.96 -11.07
C VAL C 63 -11.90 -5.16 -11.31
N SER C 64 -12.28 -5.99 -12.28
CA SER C 64 -11.51 -7.17 -12.63
C SER C 64 -10.03 -6.82 -12.78
N ASP C 65 -9.13 -7.72 -12.39
CA ASP C 65 -7.71 -7.44 -12.55
C ASP C 65 -7.28 -7.74 -13.98
N ARG C 66 -8.26 -8.05 -14.85
CA ARG C 66 -7.99 -8.33 -16.27
C ARG C 66 -7.78 -6.99 -16.99
N PHE C 67 -8.07 -5.90 -16.29
CA PHE C 67 -7.96 -4.54 -16.83
C PHE C 67 -6.73 -3.80 -16.32
N SER C 68 -6.00 -3.17 -17.24
CA SER C 68 -4.80 -2.44 -16.88
C SER C 68 -4.53 -1.24 -17.80
N GLY C 69 -4.10 -0.14 -17.20
CA GLY C 69 -3.80 1.04 -17.99
C GLY C 69 -2.34 1.40 -18.00
N SER C 70 -1.85 1.91 -19.13
CA SER C 70 -0.46 2.29 -19.28
C SER C 70 -0.36 3.42 -20.28
N GLY C 71 0.83 3.98 -20.44
CA GLY C 71 1.02 5.06 -21.38
C GLY C 71 2.00 6.14 -20.95
N SER C 72 2.36 7.00 -21.91
CA SER C 72 3.27 8.12 -21.72
C SER C 72 2.48 9.35 -21.23
N GLY C 73 2.73 10.51 -21.85
CA GLY C 73 2.04 11.73 -21.46
C GLY C 73 0.95 12.05 -22.45
N THR C 74 1.03 11.50 -23.66
CA THR C 74 0.00 11.75 -24.69
C THR C 74 -0.61 10.52 -25.35
N ASP C 75 -0.05 9.34 -25.05
CA ASP C 75 -0.56 8.09 -25.63
C ASP C 75 -0.89 7.10 -24.52
N PHE C 76 -2.12 6.60 -24.53
CA PHE C 76 -2.57 5.69 -23.49
C PHE C 76 -3.21 4.43 -23.99
N THR C 77 -3.09 3.37 -23.19
CA THR C 77 -3.61 2.08 -23.57
C THR C 77 -4.33 1.31 -22.46
N LEU C 78 -5.53 0.87 -22.76
CA LEU C 78 -6.26 0.08 -21.79
C LEU C 78 -6.04 -1.34 -22.29
N GLU C 79 -5.52 -2.22 -21.45
CA GLU C 79 -5.30 -3.59 -21.88
C GLU C 79 -6.25 -4.54 -21.17
N ILE C 80 -6.90 -5.37 -21.97
CA ILE C 80 -7.84 -6.35 -21.46
C ILE C 80 -7.27 -7.74 -21.59
N SER C 81 -6.98 -8.36 -20.45
CA SER C 81 -6.44 -9.72 -20.45
C SER C 81 -7.61 -10.71 -20.51
N ARG C 82 -7.44 -11.77 -21.29
CA ARG C 82 -8.49 -12.76 -21.41
C ARG C 82 -9.83 -12.02 -21.48
N VAL C 83 -10.19 -11.52 -22.65
CA VAL C 83 -11.42 -10.79 -22.79
C VAL C 83 -12.59 -11.77 -22.73
N LYS C 84 -13.70 -11.30 -22.17
CA LYS C 84 -14.91 -12.09 -22.01
C LYS C 84 -16.10 -11.41 -22.67
N ALA C 85 -17.11 -12.23 -22.96
CA ALA C 85 -18.33 -11.78 -23.62
C ALA C 85 -19.06 -10.64 -22.91
N GLU C 86 -18.96 -10.56 -21.58
CA GLU C 86 -19.66 -9.51 -20.85
C GLU C 86 -18.95 -8.17 -20.96
N ASP C 87 -17.78 -8.16 -21.58
CA ASP C 87 -17.01 -6.93 -21.74
C ASP C 87 -17.46 -6.02 -22.88
N VAL C 88 -18.41 -6.46 -23.71
CA VAL C 88 -18.83 -5.61 -24.83
C VAL C 88 -19.46 -4.30 -24.37
N GLY C 89 -19.28 -3.28 -25.19
CA GLY C 89 -19.83 -1.98 -24.89
C GLY C 89 -18.93 -0.94 -25.53
N VAL C 90 -18.97 0.28 -25.02
CA VAL C 90 -18.13 1.32 -25.54
C VAL C 90 -17.17 1.83 -24.45
N TYR C 91 -15.91 1.99 -24.85
CA TYR C 91 -14.88 2.44 -23.96
C TYR C 91 -14.48 3.86 -24.27
N TYR C 92 -14.46 4.67 -23.21
CA TYR C 92 -14.12 6.08 -23.30
C TYR C 92 -12.95 6.38 -22.37
N CYS C 93 -12.16 7.38 -22.72
CA CYS C 93 -11.07 7.80 -21.87
C CYS C 93 -11.40 9.25 -21.62
N GLN C 94 -11.00 9.76 -20.47
CA GLN C 94 -11.28 11.14 -20.12
C GLN C 94 -10.07 11.83 -19.53
N GLN C 95 -9.59 12.89 -20.18
CA GLN C 95 -8.44 13.62 -19.64
C GLN C 95 -8.96 14.33 -18.37
N PHE C 96 -8.16 14.32 -17.31
CA PHE C 96 -8.59 14.96 -16.08
C PHE C 96 -7.52 15.91 -15.53
N VAL C 97 -6.80 16.59 -16.42
CA VAL C 97 -5.77 17.55 -16.01
C VAL C 97 -6.26 18.98 -16.10
N GLU C 98 -7.08 19.29 -17.11
CA GLU C 98 -7.58 20.65 -17.27
C GLU C 98 -9.02 20.76 -17.72
N TYR C 99 -9.59 21.96 -17.57
CA TYR C 99 -10.97 22.24 -17.97
C TYR C 99 -10.98 22.35 -19.52
N PRO C 100 -11.99 21.76 -20.20
CA PRO C 100 -13.15 21.01 -19.71
C PRO C 100 -12.61 19.60 -19.56
N PHE C 101 -13.20 18.76 -18.74
CA PHE C 101 -12.63 17.43 -18.63
C PHE C 101 -13.10 16.58 -19.80
N THR C 102 -12.46 16.84 -20.95
CA THR C 102 -12.71 16.22 -22.25
C THR C 102 -12.82 14.70 -22.23
N PHE C 103 -13.86 14.16 -22.86
CA PHE C 103 -14.05 12.72 -23.02
C PHE C 103 -13.67 12.37 -24.44
N GLY C 104 -13.24 11.13 -24.64
CA GLY C 104 -12.89 10.67 -25.96
C GLY C 104 -14.18 10.30 -26.67
N SER C 105 -14.16 10.21 -28.00
CA SER C 105 -15.37 9.88 -28.75
C SER C 105 -15.92 8.52 -28.38
N GLY C 106 -15.02 7.57 -28.08
CA GLY C 106 -15.48 6.24 -27.71
C GLY C 106 -15.14 5.15 -28.69
N THR C 107 -14.79 3.99 -28.16
CA THR C 107 -14.46 2.84 -28.98
C THR C 107 -15.35 1.65 -28.65
N LYS C 108 -15.92 1.08 -29.69
CA LYS C 108 -16.80 -0.07 -29.51
C LYS C 108 -16.02 -1.39 -29.51
N LEU C 109 -16.31 -2.21 -28.51
CA LEU C 109 -15.68 -3.52 -28.35
C LEU C 109 -16.71 -4.61 -28.70
N GLU C 110 -16.37 -5.44 -29.67
CA GLU C 110 -17.26 -6.50 -30.13
C GLU C 110 -16.59 -7.87 -30.07
N ILE C 111 -17.31 -8.87 -29.57
CA ILE C 111 -16.82 -10.23 -29.42
C ILE C 111 -17.31 -11.15 -30.54
N LYS C 112 -16.43 -12.05 -30.94
CA LYS C 112 -16.72 -13.01 -31.98
C LYS C 112 -17.29 -14.27 -31.34
N ARG C 113 -18.22 -14.91 -32.01
CA ARG C 113 -18.82 -16.14 -31.50
C ARG C 113 -19.25 -16.96 -32.70
N ALA C 114 -19.62 -18.21 -32.47
CA ALA C 114 -20.04 -19.08 -33.56
C ALA C 114 -21.21 -18.49 -34.34
N ASP C 115 -21.25 -18.73 -35.64
CA ASP C 115 -22.32 -18.22 -36.50
C ASP C 115 -23.66 -18.76 -36.06
N ALA C 116 -24.67 -17.89 -36.03
CA ALA C 116 -26.01 -18.30 -35.61
C ALA C 116 -27.08 -17.74 -36.53
N ALA C 117 -27.93 -18.62 -37.04
CA ALA C 117 -29.01 -18.24 -37.95
C ALA C 117 -30.14 -17.60 -37.16
N PRO C 118 -30.77 -16.56 -37.75
CA PRO C 118 -31.88 -15.86 -37.09
C PRO C 118 -33.18 -16.66 -36.97
N THR C 119 -33.87 -16.46 -35.85
CA THR C 119 -35.16 -17.09 -35.55
C THR C 119 -36.19 -16.05 -36.01
N VAL C 120 -36.96 -16.37 -37.04
CA VAL C 120 -37.94 -15.42 -37.57
C VAL C 120 -39.41 -15.63 -37.21
N SER C 121 -40.07 -14.56 -36.79
CA SER C 121 -41.48 -14.58 -36.41
C SER C 121 -42.13 -13.38 -37.06
N ILE C 122 -43.33 -13.55 -37.60
CA ILE C 122 -44.05 -12.45 -38.21
C ILE C 122 -45.37 -12.41 -37.47
N PHE C 123 -45.95 -11.22 -37.33
CA PHE C 123 -47.20 -11.10 -36.60
C PHE C 123 -48.18 -10.24 -37.36
N PRO C 124 -49.45 -10.63 -37.36
CA PRO C 124 -50.44 -9.83 -38.08
C PRO C 124 -50.90 -8.65 -37.23
N PRO C 125 -51.47 -7.62 -37.87
CA PRO C 125 -51.94 -6.45 -37.14
C PRO C 125 -52.92 -6.86 -36.06
N SER C 126 -52.85 -6.20 -34.92
CA SER C 126 -53.73 -6.48 -33.80
C SER C 126 -55.14 -6.05 -34.22
N SER C 127 -56.15 -6.69 -33.65
CA SER C 127 -57.55 -6.35 -33.95
C SER C 127 -57.85 -4.97 -33.39
N GLU C 128 -57.15 -4.63 -32.30
CA GLU C 128 -57.32 -3.34 -31.66
C GLU C 128 -56.79 -2.22 -32.55
N GLN C 129 -55.59 -2.40 -33.09
CA GLN C 129 -55.00 -1.38 -33.94
C GLN C 129 -55.80 -1.12 -35.19
N LEU C 130 -56.41 -2.17 -35.74
CA LEU C 130 -57.18 -2.04 -36.97
C LEU C 130 -58.39 -1.11 -36.85
N THR C 131 -59.00 -1.09 -35.66
CA THR C 131 -60.14 -0.23 -35.43
C THR C 131 -59.63 1.21 -35.39
N SER C 132 -58.32 1.37 -35.58
CA SER C 132 -57.69 2.68 -35.55
C SER C 132 -57.28 3.15 -36.94
N GLY C 133 -57.71 2.42 -37.97
CA GLY C 133 -57.37 2.80 -39.34
C GLY C 133 -55.91 2.60 -39.73
N GLY C 134 -55.17 1.93 -38.86
CA GLY C 134 -53.78 1.67 -39.16
C GLY C 134 -53.49 0.19 -39.02
N ALA C 135 -52.40 -0.28 -39.66
CA ALA C 135 -52.00 -1.69 -39.58
C ALA C 135 -50.49 -1.90 -39.65
N SER C 136 -49.92 -2.42 -38.57
CA SER C 136 -48.49 -2.67 -38.52
C SER C 136 -48.19 -4.17 -38.53
N VAL C 137 -47.35 -4.57 -39.47
CA VAL C 137 -46.93 -5.96 -39.58
C VAL C 137 -45.49 -5.97 -39.02
N VAL C 138 -45.29 -6.65 -37.89
CA VAL C 138 -43.97 -6.73 -37.26
C VAL C 138 -43.24 -8.05 -37.52
N CYS C 139 -41.93 -7.93 -37.75
CA CYS C 139 -41.13 -9.10 -38.02
C CYS C 139 -39.86 -9.13 -37.16
N PHE C 140 -39.73 -10.16 -36.32
CA PHE C 140 -38.58 -10.31 -35.44
C PHE C 140 -37.57 -11.34 -35.94
N LEU C 141 -36.31 -10.95 -36.04
CA LEU C 141 -35.23 -11.86 -36.44
C LEU C 141 -34.31 -11.81 -35.21
N ASN C 142 -34.36 -12.85 -34.38
CA ASN C 142 -33.59 -12.87 -33.14
C ASN C 142 -32.36 -13.75 -33.05
N ASN C 143 -31.50 -13.43 -32.09
CA ASN C 143 -30.28 -14.18 -31.81
C ASN C 143 -29.50 -14.75 -33.01
N PHE C 144 -28.74 -13.89 -33.68
CA PHE C 144 -27.95 -14.33 -34.81
C PHE C 144 -26.57 -13.68 -34.81
N TYR C 145 -25.66 -14.31 -35.54
CA TYR C 145 -24.29 -13.85 -35.70
C TYR C 145 -23.73 -14.38 -37.02
N PRO C 146 -23.06 -13.52 -37.80
CA PRO C 146 -22.77 -12.10 -37.54
C PRO C 146 -23.96 -11.14 -37.63
N LYS C 147 -23.69 -9.87 -37.32
CA LYS C 147 -24.68 -8.79 -37.33
C LYS C 147 -25.21 -8.40 -38.71
N ASP C 148 -24.38 -8.52 -39.73
CA ASP C 148 -24.79 -8.21 -41.10
C ASP C 148 -26.00 -9.06 -41.43
N ILE C 149 -27.08 -8.43 -41.87
CA ILE C 149 -28.32 -9.13 -42.20
C ILE C 149 -29.18 -8.28 -43.08
N ASN C 150 -29.97 -8.93 -43.93
CA ASN C 150 -30.86 -8.23 -44.85
C ASN C 150 -32.27 -8.81 -44.88
N VAL C 151 -33.25 -7.96 -44.55
CA VAL C 151 -34.64 -8.35 -44.52
C VAL C 151 -35.39 -7.69 -45.66
N LYS C 152 -36.28 -8.45 -46.30
CA LYS C 152 -37.08 -7.97 -47.43
C LYS C 152 -38.58 -8.29 -47.23
N TRP C 153 -39.46 -7.34 -47.54
CA TRP C 153 -40.90 -7.56 -47.40
C TRP C 153 -41.56 -7.75 -48.76
N LYS C 154 -42.61 -8.58 -48.79
CA LYS C 154 -43.37 -8.85 -50.00
C LYS C 154 -44.84 -8.88 -49.63
N ILE C 155 -45.68 -8.30 -50.48
CA ILE C 155 -47.10 -8.28 -50.24
C ILE C 155 -47.72 -8.97 -51.44
N ASP C 156 -48.15 -10.21 -51.24
CA ASP C 156 -48.72 -10.99 -52.33
C ASP C 156 -47.60 -11.16 -53.34
N GLY C 157 -46.52 -11.82 -52.89
CA GLY C 157 -45.38 -12.07 -53.76
C GLY C 157 -44.76 -10.87 -54.44
N SER C 158 -45.30 -9.67 -54.19
CA SER C 158 -44.75 -8.47 -54.81
C SER C 158 -43.93 -7.70 -53.78
N GLU C 159 -42.73 -7.30 -54.17
CA GLU C 159 -41.82 -6.57 -53.28
C GLU C 159 -42.39 -5.24 -52.79
N ARG C 160 -41.95 -4.87 -51.59
CA ARG C 160 -42.37 -3.63 -50.94
C ARG C 160 -41.21 -3.09 -50.12
N GLN C 161 -41.06 -1.78 -50.13
CA GLN C 161 -39.99 -1.13 -49.37
C GLN C 161 -40.55 0.07 -48.66
N ASN C 162 -41.69 0.54 -49.15
CA ASN C 162 -42.39 1.71 -48.60
C ASN C 162 -43.11 1.46 -47.30
N GLY C 163 -42.65 2.12 -46.24
CA GLY C 163 -43.29 1.97 -44.95
C GLY C 163 -42.63 0.95 -44.05
N VAL C 164 -41.33 0.75 -44.21
CA VAL C 164 -40.62 -0.20 -43.37
C VAL C 164 -39.51 0.48 -42.60
N LEU C 165 -39.51 0.28 -41.28
CA LEU C 165 -38.52 0.87 -40.38
C LEU C 165 -37.90 -0.27 -39.58
N ASN C 166 -36.56 -0.38 -39.59
CA ASN C 166 -35.88 -1.45 -38.89
C ASN C 166 -35.21 -0.93 -37.63
N SER C 167 -34.99 -1.82 -36.67
CA SER C 167 -34.34 -1.49 -35.41
C SER C 167 -33.41 -2.64 -34.99
N TRP C 168 -32.16 -2.31 -34.70
CA TRP C 168 -31.19 -3.31 -34.30
C TRP C 168 -30.83 -3.18 -32.82
N THR C 169 -30.47 -4.30 -32.22
CA THR C 169 -30.07 -4.28 -30.83
C THR C 169 -28.56 -4.34 -30.82
N ASP C 170 -27.98 -4.09 -29.64
CA ASP C 170 -26.54 -4.12 -29.48
C ASP C 170 -26.15 -5.56 -29.17
N GLN C 171 -24.90 -5.93 -29.40
CA GLN C 171 -24.51 -7.31 -29.12
C GLN C 171 -24.83 -7.69 -27.67
N ASP C 172 -25.48 -8.84 -27.53
CA ASP C 172 -25.86 -9.33 -26.21
C ASP C 172 -24.66 -9.62 -25.30
N SER C 173 -24.72 -9.10 -24.07
CA SER C 173 -23.66 -9.30 -23.07
C SER C 173 -23.46 -10.74 -22.63
N LYS C 174 -24.51 -11.56 -22.80
CA LYS C 174 -24.40 -12.95 -22.41
C LYS C 174 -24.03 -13.90 -23.54
N ASP C 175 -24.70 -13.82 -24.67
CA ASP C 175 -24.43 -14.80 -25.73
C ASP C 175 -23.78 -14.24 -26.99
N SER C 176 -23.49 -12.95 -27.01
CA SER C 176 -22.83 -12.31 -28.15
C SER C 176 -23.60 -12.34 -29.47
N THR C 177 -24.92 -12.30 -29.40
CA THR C 177 -25.72 -12.32 -30.62
C THR C 177 -26.50 -11.02 -30.75
N TYR C 178 -26.98 -10.79 -31.97
CA TYR C 178 -27.76 -9.62 -32.34
C TYR C 178 -29.22 -9.96 -32.65
N SER C 179 -30.07 -8.94 -32.64
CA SER C 179 -31.48 -9.11 -32.96
C SER C 179 -31.96 -7.89 -33.70
N MET C 180 -32.84 -8.12 -34.67
CA MET C 180 -33.38 -7.03 -35.46
C MET C 180 -34.91 -7.00 -35.38
N SER C 181 -35.51 -5.88 -35.77
CA SER C 181 -36.97 -5.74 -35.75
C SER C 181 -37.37 -4.88 -36.92
N SER C 182 -38.04 -5.47 -37.89
CA SER C 182 -38.55 -4.76 -39.07
C SER C 182 -40.06 -4.66 -38.96
N THR C 183 -40.58 -3.46 -39.23
CA THR C 183 -42.02 -3.19 -39.15
C THR C 183 -42.55 -2.58 -40.44
N LEU C 184 -43.60 -3.19 -40.97
CA LEU C 184 -44.24 -2.69 -42.18
C LEU C 184 -45.62 -2.14 -41.80
N THR C 185 -45.80 -0.82 -41.94
CA THR C 185 -47.07 -0.20 -41.59
C THR C 185 -47.72 0.48 -42.78
N LEU C 186 -49.02 0.27 -42.92
CA LEU C 186 -49.78 0.89 -44.00
C LEU C 186 -51.16 1.26 -43.43
N THR C 187 -51.99 1.86 -44.27
CA THR C 187 -53.32 2.23 -43.84
C THR C 187 -54.12 0.95 -43.77
N LYS C 188 -55.19 0.94 -42.98
CA LYS C 188 -56.03 -0.25 -42.85
C LYS C 188 -56.63 -0.70 -44.18
N ASP C 189 -57.06 0.25 -45.00
CA ASP C 189 -57.66 -0.11 -46.28
C ASP C 189 -56.64 -0.78 -47.15
N GLU C 190 -55.42 -0.24 -47.15
CA GLU C 190 -54.37 -0.81 -47.98
C GLU C 190 -54.17 -2.26 -47.58
N TYR C 191 -54.19 -2.50 -46.27
CA TYR C 191 -54.03 -3.85 -45.72
C TYR C 191 -55.08 -4.82 -46.23
N GLU C 192 -56.33 -4.52 -45.90
CA GLU C 192 -57.48 -5.34 -46.30
C GLU C 192 -57.54 -5.55 -47.81
N ARG C 193 -56.72 -4.80 -48.53
CA ARG C 193 -56.69 -4.86 -49.98
C ARG C 193 -55.78 -5.97 -50.49
N HIS C 194 -55.04 -6.62 -49.59
CA HIS C 194 -54.14 -7.68 -50.01
C HIS C 194 -54.38 -8.93 -49.19
N ASN C 195 -53.75 -10.03 -49.55
CA ASN C 195 -53.97 -11.25 -48.82
C ASN C 195 -52.69 -11.78 -48.18
N SER C 196 -51.63 -11.91 -48.98
CA SER C 196 -50.35 -12.43 -48.50
C SER C 196 -49.37 -11.37 -47.99
N TYR C 197 -48.74 -11.66 -46.84
CA TYR C 197 -47.75 -10.76 -46.24
C TYR C 197 -46.58 -11.61 -45.79
N THR C 198 -45.49 -11.44 -46.52
CA THR C 198 -44.26 -12.19 -46.31
C THR C 198 -43.08 -11.37 -45.80
N CYS C 199 -42.34 -11.93 -44.86
CA CYS C 199 -41.15 -11.30 -44.30
C CYS C 199 -39.98 -12.25 -44.61
N GLU C 200 -38.96 -11.76 -45.30
CA GLU C 200 -37.83 -12.60 -45.71
C GLU C 200 -36.44 -12.12 -45.31
N ALA C 201 -35.60 -13.02 -44.81
CA ALA C 201 -34.27 -12.65 -44.37
C ALA C 201 -33.14 -13.42 -45.02
N THR C 202 -32.06 -12.71 -45.37
CA THR C 202 -30.87 -13.31 -45.99
C THR C 202 -29.64 -13.09 -45.08
N HIS C 203 -29.05 -14.20 -44.67
CA HIS C 203 -27.91 -14.18 -43.76
C HIS C 203 -26.79 -15.11 -44.23
N LYS C 204 -25.60 -14.88 -43.68
CA LYS C 204 -24.42 -15.67 -44.01
C LYS C 204 -24.64 -17.17 -43.79
N THR C 205 -25.31 -17.53 -42.70
CA THR C 205 -25.56 -18.94 -42.35
C THR C 205 -26.12 -19.83 -43.46
N SER C 206 -27.17 -19.39 -44.15
CA SER C 206 -27.73 -20.22 -45.21
C SER C 206 -27.71 -19.55 -46.58
N THR C 207 -27.82 -20.38 -47.61
CA THR C 207 -27.83 -19.91 -48.98
C THR C 207 -29.22 -19.37 -49.30
N SER C 208 -30.24 -20.03 -48.74
CA SER C 208 -31.62 -19.64 -48.94
C SER C 208 -32.18 -18.82 -47.77
N PRO C 209 -33.01 -17.80 -48.09
CA PRO C 209 -33.65 -16.93 -47.10
C PRO C 209 -34.66 -17.63 -46.21
N ILE C 210 -34.73 -17.20 -44.95
CA ILE C 210 -35.71 -17.75 -44.01
C ILE C 210 -36.95 -16.92 -44.32
N VAL C 211 -38.01 -17.57 -44.77
CA VAL C 211 -39.23 -16.84 -45.12
C VAL C 211 -40.44 -17.09 -44.21
N LYS C 212 -40.98 -16.02 -43.64
CA LYS C 212 -42.13 -16.13 -42.76
C LYS C 212 -43.30 -15.35 -43.35
N SER C 213 -44.47 -15.94 -43.39
CA SER C 213 -45.60 -15.21 -43.94
C SER C 213 -46.90 -15.71 -43.33
N PHE C 214 -47.98 -14.99 -43.65
CA PHE C 214 -49.30 -15.35 -43.17
C PHE C 214 -50.22 -14.70 -44.17
N ASN C 215 -51.48 -15.10 -44.19
CA ASN C 215 -52.42 -14.50 -45.11
C ASN C 215 -53.55 -13.83 -44.34
N ARG C 216 -53.83 -12.59 -44.71
CA ARG C 216 -54.85 -11.81 -44.05
C ARG C 216 -56.14 -12.59 -43.87
N GLU D 1 -24.16 1.61 0.50
CA GLU D 1 -23.28 2.71 0.00
C GLU D 1 -24.05 3.98 -0.38
N VAL D 2 -23.42 4.78 -1.24
CA VAL D 2 -24.01 6.03 -1.72
C VAL D 2 -24.95 5.79 -2.91
N LYS D 3 -25.90 6.70 -3.07
CA LYS D 3 -26.87 6.61 -4.16
C LYS D 3 -27.23 7.97 -4.75
N LEU D 4 -27.21 8.05 -6.08
CA LEU D 4 -27.54 9.28 -6.78
C LEU D 4 -28.71 9.01 -7.72
N SER D 5 -29.72 9.87 -7.69
CA SER D 5 -30.89 9.69 -8.55
C SER D 5 -31.37 11.00 -9.18
N GLU D 6 -31.20 11.11 -10.50
CA GLU D 6 -31.64 12.32 -11.22
C GLU D 6 -33.14 12.24 -11.43
N SER D 7 -33.77 13.41 -11.51
CA SER D 7 -35.21 13.53 -11.74
C SER D 7 -35.48 14.91 -12.30
N GLY D 8 -36.64 15.09 -12.91
CA GLY D 8 -37.00 16.37 -13.49
C GLY D 8 -37.76 16.11 -14.79
N PRO D 9 -38.31 17.15 -15.44
CA PRO D 9 -39.06 17.05 -16.71
C PRO D 9 -38.27 16.53 -17.91
N GLY D 10 -38.87 15.60 -18.64
CA GLY D 10 -38.22 15.04 -19.81
C GLY D 10 -38.57 15.74 -21.11
N LEU D 11 -39.41 16.76 -21.03
CA LEU D 11 -39.82 17.53 -22.20
C LEU D 11 -39.74 19.01 -21.87
N VAL D 12 -39.00 19.74 -22.70
CA VAL D 12 -38.82 21.17 -22.52
C VAL D 12 -38.90 21.90 -23.84
N LYS D 13 -39.68 22.97 -23.89
CA LYS D 13 -39.85 23.77 -25.11
C LYS D 13 -38.64 24.66 -25.31
N PRO D 14 -38.19 24.80 -26.56
CA PRO D 14 -37.03 25.63 -26.88
C PRO D 14 -37.16 27.06 -26.36
N SER D 15 -35.99 27.66 -26.12
CA SER D 15 -35.85 29.02 -25.62
C SER D 15 -36.15 29.13 -24.12
N GLN D 16 -36.71 28.08 -23.55
CA GLN D 16 -37.01 28.09 -22.12
C GLN D 16 -35.91 27.48 -21.26
N SER D 17 -36.18 27.35 -19.97
CA SER D 17 -35.19 26.82 -19.03
C SER D 17 -35.39 25.36 -18.65
N LEU D 18 -34.28 24.64 -18.47
CA LEU D 18 -34.30 23.22 -18.09
C LEU D 18 -33.89 23.12 -16.63
N SER D 19 -34.57 22.24 -15.88
CA SER D 19 -34.28 22.04 -14.45
C SER D 19 -34.25 20.56 -14.01
N LEU D 20 -33.09 20.07 -13.57
CA LEU D 20 -32.97 18.70 -13.09
C LEU D 20 -32.46 18.66 -11.64
N THR D 21 -32.81 17.60 -10.91
CA THR D 21 -32.39 17.42 -9.54
C THR D 21 -31.66 16.10 -9.37
N CYS D 22 -30.71 16.06 -8.44
CA CYS D 22 -29.97 14.84 -8.17
C CYS D 22 -30.02 14.71 -6.66
N THR D 23 -30.72 13.67 -6.20
CA THR D 23 -30.85 13.41 -4.78
C THR D 23 -29.87 12.32 -4.40
N VAL D 24 -29.04 12.62 -3.40
CA VAL D 24 -28.01 11.72 -2.89
C VAL D 24 -28.39 11.16 -1.53
N THR D 25 -28.23 9.84 -1.38
CA THR D 25 -28.52 9.15 -0.13
C THR D 25 -27.29 8.35 0.31
N GLY D 26 -27.08 8.31 1.62
CA GLY D 26 -25.94 7.58 2.12
C GLY D 26 -24.72 8.48 2.26
N TYR D 27 -24.78 9.70 1.72
CA TYR D 27 -23.63 10.58 1.80
C TYR D 27 -23.97 12.06 1.65
N SER D 28 -23.36 12.87 2.52
CA SER D 28 -23.55 14.31 2.52
C SER D 28 -22.89 15.01 1.33
N ILE D 29 -23.55 16.03 0.80
CA ILE D 29 -23.03 16.78 -0.34
C ILE D 29 -22.25 18.03 0.10
N THR D 30 -22.30 18.36 1.38
CA THR D 30 -21.57 19.52 1.88
C THR D 30 -20.13 19.09 2.09
N THR D 31 -19.75 18.04 1.38
CA THR D 31 -18.41 17.47 1.43
C THR D 31 -17.53 18.08 0.31
N ASN D 32 -16.23 17.86 0.40
CA ASN D 32 -15.35 18.43 -0.60
C ASN D 32 -15.12 17.43 -1.70
N TYR D 33 -16.16 17.30 -2.52
CA TYR D 33 -16.15 16.42 -3.69
C TYR D 33 -16.81 17.24 -4.77
N ALA D 34 -16.47 16.95 -6.01
CA ALA D 34 -17.09 17.66 -7.10
C ALA D 34 -18.39 16.91 -7.39
N TRP D 35 -19.52 17.55 -7.05
CA TRP D 35 -20.84 16.97 -7.33
C TRP D 35 -21.12 17.53 -8.71
N THR D 36 -20.90 16.70 -9.71
CA THR D 36 -21.01 17.12 -11.09
C THR D 36 -22.23 16.74 -11.92
N TRP D 37 -22.38 17.45 -13.03
CA TRP D 37 -23.45 17.22 -14.00
C TRP D 37 -22.74 16.92 -15.30
N ILE D 38 -23.22 15.89 -15.98
CA ILE D 38 -22.63 15.47 -17.24
C ILE D 38 -23.78 15.10 -18.15
N ARG D 39 -23.56 15.17 -19.46
CA ARG D 39 -24.61 14.83 -20.38
C ARG D 39 -24.06 14.11 -21.59
N GLN D 40 -24.86 13.20 -22.13
CA GLN D 40 -24.48 12.43 -23.28
C GLN D 40 -25.43 12.74 -24.42
N PHE D 41 -24.87 13.19 -25.53
CA PHE D 41 -25.66 13.56 -26.68
C PHE D 41 -26.03 12.39 -27.56
N PRO D 42 -26.96 12.59 -28.49
CA PRO D 42 -27.38 11.54 -29.41
C PRO D 42 -26.14 11.30 -30.28
N GLY D 43 -25.64 10.08 -30.30
CA GLY D 43 -24.43 9.78 -31.04
C GLY D 43 -23.38 9.45 -29.99
N ASN D 44 -23.82 9.49 -28.73
CA ASN D 44 -23.00 9.16 -27.57
C ASN D 44 -21.87 10.06 -27.07
N LYS D 45 -21.65 11.17 -27.75
CA LYS D 45 -20.63 12.09 -27.28
C LYS D 45 -20.95 12.47 -25.83
N LEU D 46 -19.95 12.47 -24.95
CA LEU D 46 -20.12 12.81 -23.53
C LEU D 46 -19.56 14.21 -23.23
N GLU D 47 -20.28 15.00 -22.45
CA GLU D 47 -19.81 16.35 -22.13
C GLU D 47 -19.93 16.73 -20.66
N TRP D 48 -18.85 17.30 -20.10
CA TRP D 48 -18.76 17.77 -18.70
C TRP D 48 -19.37 19.15 -18.63
N MET D 49 -20.41 19.30 -17.79
CA MET D 49 -21.10 20.57 -17.64
C MET D 49 -20.61 21.48 -16.53
N GLY D 50 -20.44 20.97 -15.33
CA GLY D 50 -19.99 21.78 -14.22
C GLY D 50 -20.11 21.00 -12.94
N TYR D 51 -19.82 21.63 -11.81
CA TYR D 51 -19.94 20.95 -10.52
C TYR D 51 -19.98 21.90 -9.33
N ILE D 52 -20.56 21.45 -8.23
CA ILE D 52 -20.57 22.27 -7.03
C ILE D 52 -19.76 21.42 -6.04
N ARG D 53 -18.94 22.09 -5.22
CA ARG D 53 -18.09 21.39 -4.28
C ARG D 53 -18.01 22.17 -2.98
N SER D 54 -18.12 21.45 -1.87
CA SER D 54 -18.09 22.10 -0.56
C SER D 54 -19.10 23.24 -0.48
N SER D 55 -20.26 23.04 -1.09
CA SER D 55 -21.35 24.02 -1.08
C SER D 55 -21.17 25.40 -1.74
N VAL D 56 -19.94 25.90 -1.79
CA VAL D 56 -19.73 27.22 -2.37
C VAL D 56 -18.78 27.31 -3.56
N ILE D 57 -18.20 26.19 -3.97
CA ILE D 57 -17.26 26.16 -5.08
C ILE D 57 -17.92 25.66 -6.35
N THR D 58 -18.31 26.54 -7.25
CA THR D 58 -18.93 26.12 -8.53
C THR D 58 -17.91 26.37 -9.67
N ARG D 59 -17.88 25.43 -10.62
CA ARG D 59 -17.03 25.48 -11.80
C ARG D 59 -17.83 24.96 -13.02
N TYR D 60 -17.82 25.73 -14.12
CA TYR D 60 -18.57 25.35 -15.30
C TYR D 60 -17.73 25.28 -16.56
N ASN D 61 -18.33 24.70 -17.60
CA ASN D 61 -17.72 24.59 -18.91
C ASN D 61 -17.89 25.96 -19.55
N PRO D 62 -16.80 26.51 -20.12
CA PRO D 62 -16.87 27.83 -20.77
C PRO D 62 -17.92 27.87 -21.87
N SER D 63 -18.03 26.75 -22.58
CA SER D 63 -18.94 26.62 -23.70
C SER D 63 -20.43 26.78 -23.35
N LEU D 64 -20.81 26.46 -22.12
CA LEU D 64 -22.21 26.59 -21.72
C LEU D 64 -22.47 28.05 -21.43
N LYS D 65 -21.46 28.86 -21.71
CA LYS D 65 -21.51 30.29 -21.51
C LYS D 65 -22.02 30.62 -20.11
N SER D 66 -22.93 31.57 -20.04
CA SER D 66 -23.48 31.99 -18.77
C SER D 66 -24.92 31.58 -18.59
N ARG D 67 -25.33 30.54 -19.31
CA ARG D 67 -26.70 30.09 -19.20
C ARG D 67 -26.87 28.87 -18.29
N ILE D 68 -25.76 28.36 -17.75
CA ILE D 68 -25.84 27.23 -16.83
C ILE D 68 -25.57 27.72 -15.38
N SER D 69 -26.24 27.10 -14.41
CA SER D 69 -26.12 27.44 -12.99
C SER D 69 -26.35 26.21 -12.09
N ILE D 70 -25.41 25.96 -11.16
CA ILE D 70 -25.50 24.80 -10.25
C ILE D 70 -25.55 25.19 -8.77
N THR D 71 -26.65 24.85 -8.10
CA THR D 71 -26.83 25.17 -6.68
C THR D 71 -27.10 23.91 -5.88
N GLN D 72 -27.53 24.07 -4.62
CA GLN D 72 -27.84 22.92 -3.78
C GLN D 72 -28.78 23.27 -2.63
N ASP D 73 -29.31 22.22 -2.01
CA ASP D 73 -30.22 22.33 -0.87
C ASP D 73 -29.69 21.37 0.18
N THR D 74 -29.06 21.90 1.22
CA THR D 74 -28.49 21.11 2.28
C THR D 74 -29.52 20.32 3.08
N SER D 75 -30.60 20.97 3.49
CA SER D 75 -31.62 20.30 4.28
C SER D 75 -32.15 19.02 3.61
N LYS D 76 -32.33 19.06 2.30
CA LYS D 76 -32.83 17.91 1.54
C LYS D 76 -31.68 17.06 0.97
N ASN D 77 -30.48 17.63 0.98
CA ASN D 77 -29.28 16.97 0.47
C ASN D 77 -29.36 16.68 -1.02
N GLN D 78 -29.61 17.72 -1.80
CA GLN D 78 -29.68 17.56 -3.25
C GLN D 78 -29.11 18.79 -3.95
N PHE D 79 -28.43 18.58 -5.07
CA PHE D 79 -27.91 19.71 -5.83
C PHE D 79 -28.72 19.75 -7.12
N PHE D 80 -28.76 20.90 -7.77
CA PHE D 80 -29.58 21.05 -8.96
C PHE D 80 -28.83 21.60 -10.15
N LEU D 81 -29.38 21.34 -11.34
CA LEU D 81 -28.81 21.85 -12.58
C LEU D 81 -29.88 22.72 -13.24
N GLN D 82 -29.50 23.91 -13.69
CA GLN D 82 -30.43 24.79 -14.39
C GLN D 82 -29.71 25.30 -15.64
N LEU D 83 -30.35 25.16 -16.81
CA LEU D 83 -29.78 25.61 -18.09
C LEU D 83 -30.81 26.45 -18.86
N ASN D 84 -30.61 27.78 -18.88
CA ASN D 84 -31.52 28.73 -19.54
C ASN D 84 -31.47 28.72 -21.07
N SER D 85 -32.52 29.23 -21.68
CA SER D 85 -32.65 29.33 -23.14
C SER D 85 -32.08 28.13 -23.88
N VAL D 86 -32.59 26.96 -23.56
CA VAL D 86 -32.15 25.75 -24.19
C VAL D 86 -32.66 25.71 -25.64
N THR D 87 -32.00 24.93 -26.47
CA THR D 87 -32.39 24.77 -27.85
C THR D 87 -32.36 23.26 -28.11
N THR D 88 -32.79 22.82 -29.27
CA THR D 88 -32.76 21.41 -29.59
C THR D 88 -31.36 20.81 -29.33
N GLU D 89 -30.32 21.62 -29.53
CA GLU D 89 -28.93 21.18 -29.32
C GLU D 89 -28.69 20.67 -27.91
N ASP D 90 -29.61 20.99 -26.99
CA ASP D 90 -29.45 20.57 -25.61
C ASP D 90 -30.10 19.22 -25.28
N THR D 91 -30.75 18.61 -26.26
CA THR D 91 -31.37 17.30 -26.06
C THR D 91 -30.24 16.32 -25.72
N ALA D 92 -30.39 15.58 -24.62
CA ALA D 92 -29.38 14.61 -24.19
C ALA D 92 -29.75 13.95 -22.87
N THR D 93 -28.96 12.95 -22.48
CA THR D 93 -29.18 12.25 -21.23
C THR D 93 -28.28 12.89 -20.18
N TYR D 94 -28.87 13.27 -19.06
CA TYR D 94 -28.10 13.92 -18.02
C TYR D 94 -27.79 13.05 -16.84
N TYR D 95 -26.50 12.92 -16.53
CA TYR D 95 -26.04 12.12 -15.40
C TYR D 95 -25.45 13.05 -14.33
N CYS D 96 -25.49 12.59 -13.09
CA CYS D 96 -24.85 13.33 -12.03
C CYS D 96 -23.88 12.28 -11.50
N ALA D 97 -22.74 12.74 -10.99
CA ALA D 97 -21.73 11.85 -10.46
C ALA D 97 -20.89 12.59 -9.42
N ARG D 98 -20.07 11.83 -8.70
CA ARG D 98 -19.20 12.40 -7.69
C ARG D 98 -17.74 12.17 -8.10
N TYR D 99 -17.06 13.27 -8.44
CA TYR D 99 -15.67 13.20 -8.82
C TYR D 99 -14.84 13.72 -7.66
N ASP D 100 -13.74 13.05 -7.41
CA ASP D 100 -12.81 13.46 -6.37
C ASP D 100 -11.58 14.05 -7.03
N TYR D 101 -10.67 14.49 -6.20
CA TYR D 101 -9.46 15.13 -6.64
C TYR D 101 -8.74 14.44 -7.82
N TYR D 102 -8.57 13.12 -7.71
CA TYR D 102 -7.83 12.35 -8.71
C TYR D 102 -8.60 11.85 -9.93
N GLY D 103 -9.88 12.20 -10.00
CA GLY D 103 -10.70 11.79 -11.14
C GLY D 103 -11.49 10.51 -10.93
N ASN D 104 -11.38 9.96 -9.74
CA ASN D 104 -12.07 8.74 -9.43
C ASN D 104 -13.51 9.02 -8.99
N THR D 105 -14.44 8.31 -9.62
CA THR D 105 -15.86 8.46 -9.35
C THR D 105 -16.47 7.22 -8.68
N GLY D 106 -15.84 6.06 -8.88
CA GLY D 106 -16.32 4.81 -8.30
C GLY D 106 -17.61 4.37 -8.95
N ASP D 107 -18.58 3.98 -8.11
CA ASP D 107 -19.89 3.56 -8.61
C ASP D 107 -20.89 4.67 -8.34
N TYR D 108 -20.37 5.86 -8.04
CA TYR D 108 -21.22 7.01 -7.74
C TYR D 108 -21.70 7.80 -8.97
N TRP D 109 -22.56 7.14 -9.76
CA TRP D 109 -23.19 7.71 -10.96
C TRP D 109 -24.70 7.55 -10.89
N GLY D 110 -25.42 8.57 -11.35
CA GLY D 110 -26.87 8.49 -11.36
C GLY D 110 -27.23 7.60 -12.52
N GLN D 111 -28.48 7.17 -12.59
CA GLN D 111 -28.88 6.30 -13.68
C GLN D 111 -29.08 7.07 -14.98
N GLY D 112 -29.08 8.39 -14.88
CA GLY D 112 -29.25 9.23 -16.05
C GLY D 112 -30.70 9.57 -16.25
N THR D 113 -30.96 10.80 -16.67
CA THR D 113 -32.32 11.24 -16.92
C THR D 113 -32.37 11.95 -18.28
N SER D 114 -33.15 11.40 -19.19
CA SER D 114 -33.28 11.97 -20.51
C SER D 114 -34.10 13.26 -20.59
N VAL D 115 -33.62 14.21 -21.38
CA VAL D 115 -34.32 15.48 -21.58
C VAL D 115 -34.38 15.80 -23.06
N THR D 116 -35.58 16.14 -23.54
CA THR D 116 -35.76 16.49 -24.94
C THR D 116 -36.21 17.93 -25.06
N VAL D 117 -35.65 18.66 -26.02
CA VAL D 117 -36.02 20.04 -26.27
C VAL D 117 -36.75 20.05 -27.61
N SER D 118 -38.06 20.31 -27.54
CA SER D 118 -38.93 20.34 -28.72
C SER D 118 -40.27 21.05 -28.43
N SER D 119 -41.00 21.40 -29.49
CA SER D 119 -42.29 22.08 -29.42
C SER D 119 -43.45 21.11 -29.35
N ALA D 120 -43.25 19.90 -29.88
CA ALA D 120 -44.28 18.87 -29.91
C ALA D 120 -44.87 18.61 -28.53
N LYS D 121 -46.10 18.13 -28.50
CA LYS D 121 -46.78 17.86 -27.24
C LYS D 121 -46.53 16.43 -26.77
N THR D 122 -46.53 16.25 -25.46
CA THR D 122 -46.36 14.93 -24.85
C THR D 122 -47.53 14.07 -25.35
N THR D 123 -47.24 12.81 -25.64
CA THR D 123 -48.27 11.92 -26.16
C THR D 123 -48.11 10.52 -25.64
N PRO D 124 -49.13 10.00 -24.97
CA PRO D 124 -48.96 8.63 -24.48
C PRO D 124 -48.91 7.66 -25.66
N PRO D 125 -48.26 6.51 -25.48
CA PRO D 125 -48.15 5.51 -26.53
C PRO D 125 -49.34 4.57 -26.51
N SER D 126 -49.56 3.86 -27.60
CA SER D 126 -50.64 2.89 -27.63
C SER D 126 -49.97 1.52 -27.72
N VAL D 127 -50.44 0.55 -26.93
CA VAL D 127 -49.83 -0.76 -26.96
C VAL D 127 -50.66 -1.80 -27.66
N TYR D 128 -50.07 -2.50 -28.60
CA TYR D 128 -50.81 -3.56 -29.31
C TYR D 128 -50.12 -4.88 -29.08
N PRO D 129 -50.90 -5.88 -28.68
CA PRO D 129 -50.30 -7.20 -28.45
C PRO D 129 -49.93 -7.83 -29.80
N LEU D 130 -48.94 -8.71 -29.80
CA LEU D 130 -48.51 -9.38 -31.02
C LEU D 130 -48.57 -10.90 -30.83
N ALA D 131 -49.65 -11.49 -31.30
CA ALA D 131 -49.84 -12.92 -31.20
C ALA D 131 -49.73 -13.49 -32.60
N PRO D 132 -49.45 -14.78 -32.72
CA PRO D 132 -49.34 -15.43 -34.03
C PRO D 132 -50.72 -15.62 -34.67
N GLY D 133 -50.79 -15.75 -35.99
CA GLY D 133 -52.06 -15.90 -36.69
C GLY D 133 -52.92 -17.17 -36.51
N THR D 134 -52.24 -18.30 -36.42
CA THR D 134 -52.84 -19.64 -36.22
C THR D 134 -51.65 -20.39 -35.60
N ALA D 135 -51.52 -21.69 -35.84
CA ALA D 135 -50.40 -22.40 -35.22
C ALA D 135 -49.26 -22.92 -36.11
N ALA D 136 -48.26 -23.46 -35.44
CA ALA D 136 -47.07 -24.04 -36.06
C ALA D 136 -46.52 -25.12 -35.13
N LEU D 137 -45.28 -25.54 -35.40
CA LEU D 137 -44.62 -26.59 -34.60
C LEU D 137 -44.63 -26.38 -33.09
N LYS D 138 -45.60 -27.00 -32.42
CA LYS D 138 -45.76 -26.92 -30.97
C LYS D 138 -44.73 -27.76 -30.19
N SER D 139 -44.78 -27.66 -28.87
CA SER D 139 -43.86 -28.35 -27.96
C SER D 139 -42.41 -27.95 -28.36
N SER D 140 -42.20 -26.63 -28.37
CA SER D 140 -40.92 -26.01 -28.70
C SER D 140 -40.95 -24.61 -28.09
N MET D 141 -40.42 -23.63 -28.81
CA MET D 141 -40.41 -22.27 -28.32
C MET D 141 -41.37 -21.41 -29.14
N VAL D 142 -42.16 -20.60 -28.44
CA VAL D 142 -43.12 -19.70 -29.08
C VAL D 142 -42.74 -18.27 -28.76
N THR D 143 -42.82 -17.39 -29.75
CA THR D 143 -42.44 -15.99 -29.58
C THR D 143 -43.63 -15.03 -29.54
N LEU D 144 -43.69 -14.20 -28.50
CA LEU D 144 -44.76 -13.22 -28.35
C LEU D 144 -44.22 -11.80 -28.51
N GLY D 145 -45.09 -10.79 -28.43
CA GLY D 145 -44.61 -9.42 -28.59
C GLY D 145 -45.55 -8.28 -28.26
N CYS D 146 -45.03 -7.07 -28.29
CA CYS D 146 -45.83 -5.88 -28.02
C CYS D 146 -45.36 -4.75 -28.92
N LEU D 147 -46.27 -3.87 -29.32
CA LEU D 147 -45.89 -2.75 -30.18
C LEU D 147 -46.31 -1.44 -29.51
N VAL D 148 -45.31 -0.70 -29.02
CA VAL D 148 -45.56 0.57 -28.36
C VAL D 148 -45.42 1.58 -29.47
N LYS D 149 -46.52 2.25 -29.81
CA LYS D 149 -46.50 3.15 -30.94
C LYS D 149 -47.04 4.54 -30.71
N GLY D 150 -46.44 5.49 -31.42
CA GLY D 150 -46.87 6.87 -31.36
C GLY D 150 -46.81 7.56 -30.02
N TYR D 151 -45.65 7.52 -29.36
CA TYR D 151 -45.52 8.21 -28.09
C TYR D 151 -44.49 9.29 -28.27
N PHE D 152 -44.42 10.16 -27.28
CA PHE D 152 -43.49 11.27 -27.28
C PHE D 152 -43.59 11.99 -25.94
N PRO D 153 -42.44 12.33 -25.35
CA PRO D 153 -41.09 12.09 -25.87
C PRO D 153 -40.54 10.74 -25.37
N GLU D 154 -39.29 10.44 -25.74
CA GLU D 154 -38.64 9.24 -25.24
C GLU D 154 -38.42 9.54 -23.75
N PRO D 155 -38.23 8.50 -22.90
CA PRO D 155 -38.26 7.07 -23.19
C PRO D 155 -39.52 6.42 -22.67
N VAL D 156 -39.56 5.10 -22.79
CA VAL D 156 -40.66 4.30 -22.32
C VAL D 156 -39.96 3.11 -21.71
N THR D 157 -40.56 2.42 -20.76
CA THR D 157 -39.86 1.25 -20.22
C THR D 157 -40.80 0.07 -20.34
N VAL D 158 -40.32 -1.03 -20.91
CA VAL D 158 -41.17 -2.19 -21.08
C VAL D 158 -40.66 -3.34 -20.25
N THR D 159 -41.61 -4.06 -19.65
CA THR D 159 -41.28 -5.25 -18.86
C THR D 159 -42.34 -6.30 -19.18
N TRP D 160 -42.08 -7.53 -18.75
CA TRP D 160 -43.04 -8.58 -18.97
C TRP D 160 -43.39 -9.19 -17.65
N ASN D 161 -44.69 -9.41 -17.45
CA ASN D 161 -45.21 -10.00 -16.23
C ASN D 161 -44.65 -9.23 -15.05
N SER D 162 -44.65 -7.92 -15.21
CA SER D 162 -44.18 -7.01 -14.18
C SER D 162 -42.70 -7.10 -13.84
N GLY D 163 -41.92 -7.74 -14.69
CA GLY D 163 -40.50 -7.85 -14.40
C GLY D 163 -40.09 -9.22 -13.91
N SER D 164 -41.07 -10.03 -13.52
CA SER D 164 -40.79 -11.38 -13.05
C SER D 164 -40.32 -12.29 -14.19
N LEU D 165 -40.58 -11.89 -15.43
CA LEU D 165 -40.16 -12.64 -16.62
C LEU D 165 -39.13 -11.75 -17.31
N SER D 166 -37.87 -12.16 -17.30
CA SER D 166 -36.81 -11.34 -17.87
C SER D 166 -35.83 -12.02 -18.81
N SER D 167 -35.77 -13.34 -18.76
CA SER D 167 -34.87 -14.07 -19.63
C SER D 167 -35.58 -14.32 -20.97
N GLY D 168 -34.85 -14.15 -22.06
CA GLY D 168 -35.43 -14.37 -23.37
C GLY D 168 -36.32 -13.22 -23.78
N VAL D 169 -35.80 -12.00 -23.66
CA VAL D 169 -36.52 -10.79 -24.02
C VAL D 169 -35.59 -9.89 -24.81
N HIS D 170 -36.16 -9.17 -25.78
CA HIS D 170 -35.41 -8.24 -26.62
C HIS D 170 -36.22 -6.97 -26.84
N THR D 171 -35.77 -5.85 -26.27
CA THR D 171 -36.48 -4.58 -26.51
C THR D 171 -35.64 -3.77 -27.51
N PHE D 172 -36.22 -3.49 -28.67
CA PHE D 172 -35.54 -2.75 -29.71
C PHE D 172 -35.62 -1.26 -29.55
N PRO D 173 -34.57 -0.54 -30.01
CA PRO D 173 -34.46 0.92 -29.95
C PRO D 173 -35.69 1.57 -30.54
N ALA D 174 -36.10 2.71 -29.99
CA ALA D 174 -37.27 3.37 -30.52
C ALA D 174 -36.97 3.92 -31.90
N VAL D 175 -37.98 3.98 -32.75
CA VAL D 175 -37.85 4.52 -34.09
C VAL D 175 -38.80 5.72 -34.20
N LEU D 176 -38.45 6.69 -35.04
CA LEU D 176 -39.29 7.87 -35.19
C LEU D 176 -40.15 7.79 -36.45
N GLN D 177 -41.46 7.95 -36.28
CA GLN D 177 -42.38 7.90 -37.41
C GLN D 177 -43.55 8.88 -37.28
N SER D 178 -43.49 9.99 -38.02
CA SER D 178 -44.53 11.02 -37.98
C SER D 178 -44.48 11.77 -36.64
N ASP D 179 -43.30 12.27 -36.31
CA ASP D 179 -43.09 13.00 -35.07
C ASP D 179 -43.32 12.16 -33.83
N LEU D 180 -43.62 10.89 -34.02
CA LEU D 180 -43.85 10.06 -32.88
C LEU D 180 -42.93 8.82 -32.85
N TYR D 181 -42.64 8.33 -31.65
CA TYR D 181 -41.77 7.17 -31.46
C TYR D 181 -42.55 5.88 -31.50
N THR D 182 -41.84 4.82 -31.86
CA THR D 182 -42.41 3.48 -31.93
C THR D 182 -41.28 2.52 -31.60
N LEU D 183 -41.64 1.42 -30.96
CA LEU D 183 -40.65 0.45 -30.57
C LEU D 183 -41.39 -0.85 -30.36
N THR D 184 -40.69 -1.97 -30.52
CA THR D 184 -41.31 -3.27 -30.32
C THR D 184 -40.53 -3.99 -29.26
N SER D 185 -41.12 -5.03 -28.71
CA SER D 185 -40.47 -5.85 -27.70
C SER D 185 -40.94 -7.26 -27.96
N SER D 186 -40.05 -8.23 -27.76
CA SER D 186 -40.41 -9.63 -27.95
C SER D 186 -40.05 -10.47 -26.72
N VAL D 187 -40.75 -11.58 -26.56
CA VAL D 187 -40.50 -12.49 -25.46
C VAL D 187 -40.68 -13.92 -26.00
N THR D 188 -39.71 -14.79 -25.73
CA THR D 188 -39.75 -16.19 -26.18
C THR D 188 -39.95 -17.14 -25.01
N VAL D 189 -41.07 -17.85 -25.01
CA VAL D 189 -41.38 -18.78 -23.94
C VAL D 189 -41.68 -20.18 -24.48
N PRO D 190 -41.57 -21.21 -23.62
CA PRO D 190 -41.85 -22.58 -24.08
C PRO D 190 -43.31 -22.68 -24.52
N SER D 191 -43.50 -23.15 -25.74
CA SER D 191 -44.84 -23.27 -26.31
C SER D 191 -45.79 -24.01 -25.38
N SER D 192 -45.25 -24.94 -24.62
CA SER D 192 -46.11 -25.68 -23.69
C SER D 192 -46.67 -24.78 -22.59
N THR D 193 -46.01 -23.65 -22.34
CA THR D 193 -46.44 -22.72 -21.29
C THR D 193 -47.29 -21.56 -21.81
N TRP D 194 -47.69 -21.61 -23.07
CA TRP D 194 -48.50 -20.55 -23.62
C TRP D 194 -49.46 -21.16 -24.63
N PRO D 195 -50.74 -20.75 -24.60
CA PRO D 195 -51.37 -19.76 -23.70
C PRO D 195 -51.84 -20.25 -22.34
N SER D 196 -51.40 -21.44 -21.95
CA SER D 196 -51.77 -21.99 -20.66
C SER D 196 -51.38 -20.99 -19.58
N GLN D 197 -50.18 -20.42 -19.73
CA GLN D 197 -49.66 -19.43 -18.80
C GLN D 197 -49.80 -18.04 -19.41
N THR D 198 -50.42 -17.13 -18.69
CA THR D 198 -50.60 -15.78 -19.24
C THR D 198 -49.29 -14.98 -19.28
N VAL D 199 -49.11 -14.25 -20.38
CA VAL D 199 -47.95 -13.42 -20.60
C VAL D 199 -48.52 -12.01 -20.83
N THR D 200 -47.95 -11.01 -20.15
CA THR D 200 -48.42 -9.63 -20.26
C THR D 200 -47.24 -8.68 -20.36
N CYS D 201 -47.35 -7.63 -21.17
CA CYS D 201 -46.25 -6.68 -21.23
C CYS D 201 -46.72 -5.41 -20.54
N ASN D 202 -45.81 -4.76 -19.83
CA ASN D 202 -46.17 -3.55 -19.11
C ASN D 202 -45.36 -2.41 -19.69
N VAL D 203 -46.06 -1.35 -20.08
CA VAL D 203 -45.40 -0.21 -20.69
C VAL D 203 -45.54 1.06 -19.87
N ALA D 204 -44.41 1.65 -19.53
CA ALA D 204 -44.41 2.86 -18.73
C ALA D 204 -43.84 4.02 -19.54
N HIS D 205 -44.63 5.09 -19.65
CA HIS D 205 -44.20 6.28 -20.35
C HIS D 205 -44.24 7.38 -19.31
N PRO D 206 -43.16 7.53 -18.56
CA PRO D 206 -43.03 8.53 -17.50
C PRO D 206 -43.58 9.90 -17.86
N ALA D 207 -43.12 10.42 -19.01
CA ALA D 207 -43.52 11.74 -19.48
C ALA D 207 -45.03 12.01 -19.43
N SER D 208 -45.84 10.98 -19.65
CA SER D 208 -47.29 11.20 -19.66
C SER D 208 -48.01 10.60 -18.46
N SER D 209 -47.25 10.17 -17.46
CA SER D 209 -47.84 9.59 -16.28
C SER D 209 -48.80 8.45 -16.64
N THR D 210 -48.36 7.57 -17.52
CA THR D 210 -49.19 6.48 -17.95
C THR D 210 -48.50 5.12 -17.87
N LYS D 211 -49.32 4.10 -17.63
CA LYS D 211 -48.81 2.75 -17.54
C LYS D 211 -49.87 1.83 -18.12
N VAL D 212 -49.42 0.98 -19.04
CA VAL D 212 -50.32 0.04 -19.70
C VAL D 212 -49.88 -1.42 -19.55
N ASP D 213 -50.85 -2.29 -19.35
CA ASP D 213 -50.61 -3.72 -19.23
C ASP D 213 -51.42 -4.32 -20.37
N LYS D 214 -50.81 -5.18 -21.15
CA LYS D 214 -51.51 -5.78 -22.27
C LYS D 214 -51.22 -7.27 -22.26
N LYS D 215 -52.27 -8.09 -22.11
CA LYS D 215 -52.11 -9.52 -22.12
C LYS D 215 -52.19 -10.00 -23.56
N ILE D 216 -51.29 -10.92 -23.90
CA ILE D 216 -51.27 -11.48 -25.25
C ILE D 216 -52.15 -12.73 -25.22
N VAL D 217 -53.24 -12.70 -25.97
CA VAL D 217 -54.15 -13.83 -26.00
C VAL D 217 -54.28 -14.41 -27.39
N PRO D 218 -54.34 -15.73 -27.48
CA PRO D 218 -54.46 -16.47 -28.74
C PRO D 218 -55.44 -15.83 -29.70
N ARG D 219 -55.12 -15.91 -30.98
CA ARG D 219 -56.00 -15.35 -31.99
C ARG D 219 -57.03 -16.43 -32.31
#